data_4FK0
#
_entry.id   4FK0
#
_cell.length_a   74.846
_cell.length_b   120.149
_cell.length_c   130.619
_cell.angle_alpha   90.00
_cell.angle_beta   90.00
_cell.angle_gamma   90.00
#
_symmetry.space_group_name_H-M   'P 21 21 21'
#
loop_
_entity.id
_entity.type
_entity.pdbx_description
1 polymer 'DNA polymerase'
2 polymer 'DNA template'
3 polymer 'DNA primer'
4 non-polymer "2'-DEOXYCYTIDINE-5'-TRIPHOSPHATE"
5 non-polymer 'CALCIUM ION'
6 water water
#
loop_
_entity_poly.entity_id
_entity_poly.type
_entity_poly.pdbx_seq_one_letter_code
_entity_poly.pdbx_strand_id
1 'polypeptide(L)'
;MKEFYLTVEQIGDSIFERYIDSNGRERTREVEYKPSLFAHCPESQATKYFDIYGKPCTRKLFANMRDASQWIKRMEDIGL
EALGMDDFKLAYLSDTYNYEIKYDHTKIRVANFDIEVTSPDGFPEPSQAKHPIDAITHYDSIDDRFYVFDLLNSPYGNVE
EWSIEIAAKLQEQGGDEVPSEIIDKIIYMPFDNEKELLMEYLNFWQQKTPVILTGWNVESFAIPYVYNRIKNIFGESTAK
RLSPHRKTRVKVIENMYGSREIITLFGISVLDYIDLYKKFSFTNQPSYSLDYISEFELNVGKLKYDGPISKLRESNHQRY
ISYNIIAVYRVLQIDAKRQFINLSLDMGYYAKIQIQSVFSPIKTWDAIIFNSLKEQNKVIPQGRSHPVQPYPGAFVKEPI
PNRYKYVMSFDLTSAYPSIIRQVNISPETIAGTFKVAPLHDYINAVAERPSDVYSCSPNGMMYYKDRDGVVPTEITKVFN
QRKEHKGYMLAAQRNGEIIKEALHNPNLSVDEPLDVDYRFDFSDEIKEKIKKLSAKSLNEMLFRAQRTEVAGMTAQINRK
ALINGLAGALGNVWFRYYDLRNATAITTFGQMALQWIERKVNEYLNEVCGTEGEAFVLYGDTDSIYVSADKIIDKVGESK
FRDTNHWVDFLDKFARERMEPAIDRGFREMCEYMNNKQHLMFMDREAIAGPPLGSKGIGGFWTGKKRYALNVWDMEGTRY
AEPKLKIMGLETQKSSTPKAVQKALKECIRRMLQEGEESLQEYFKEFEKEFRQLNYISIASVSSANNIAKYDVGGFPGPK
CPFHIRGILTYNRAIKGNIDAPQVVEGEKVYVLPLREGNPFGDKCIAWPSGTEITDLIKDDVLHWMDYTVLLEKTFIKPL
EGFTSAAKLDYEKKASLFDMFDF
;
A
2 'polydeoxyribonucleotide' (DC)(DG)(DG)(DG)(DT)(DA)(DA)(DG)(DC)(DA)(DG)(DT)(DC)(DC)(DG)(DC)(DG) T
3 'polydeoxyribonucleotide' (DG)(DC)(DG)(DG)(DA)(DC)(DT)(DG)(DC)(DT)(DT)(DA)(DOC) P
#
loop_
_chem_comp.id
_chem_comp.type
_chem_comp.name
_chem_comp.formula
CA non-polymer 'CALCIUM ION' 'Ca 2'
DA DNA linking 2'-DEOXYADENOSINE-5'-MONOPHOSPHATE 'C10 H14 N5 O6 P'
DC DNA linking 2'-DEOXYCYTIDINE-5'-MONOPHOSPHATE 'C9 H14 N3 O7 P'
DCP non-polymer 2'-DEOXYCYTIDINE-5'-TRIPHOSPHATE 'C9 H16 N3 O13 P3'
DG DNA linking 2'-DEOXYGUANOSINE-5'-MONOPHOSPHATE 'C10 H14 N5 O7 P'
DOC DNA linking 2',3'-DIDEOXYCYTIDINE-5'-MONOPHOSPHATE 'C9 H14 N3 O6 P'
DT DNA linking THYMIDINE-5'-MONOPHOSPHATE 'C10 H15 N2 O8 P'
#
# COMPACT_ATOMS: atom_id res chain seq x y z
N MET A 1 23.07 -15.52 -21.48
CA MET A 1 21.76 -15.11 -20.90
C MET A 1 20.96 -14.28 -21.89
N LYS A 2 19.64 -14.29 -21.69
CA LYS A 2 18.75 -13.48 -22.50
C LYS A 2 18.91 -12.03 -22.09
N GLU A 3 19.02 -11.15 -23.09
CA GLU A 3 19.14 -9.72 -22.85
C GLU A 3 17.85 -9.16 -22.22
N PHE A 4 17.98 -8.07 -21.45
CA PHE A 4 16.84 -7.33 -20.97
C PHE A 4 17.16 -5.85 -20.88
N TYR A 5 16.15 -5.01 -21.10
CA TYR A 5 16.32 -3.57 -21.04
C TYR A 5 16.49 -3.15 -19.59
N LEU A 6 17.13 -2.00 -19.41
CA LEU A 6 17.23 -1.38 -18.11
C LEU A 6 16.32 -0.14 -18.11
N THR A 7 16.53 0.75 -19.07
CA THR A 7 15.71 1.95 -19.24
C THR A 7 15.46 2.15 -20.72
N VAL A 8 14.40 2.89 -21.03
CA VAL A 8 14.10 3.23 -22.41
C VAL A 8 13.50 4.64 -22.45
N GLU A 9 13.88 5.41 -23.47
CA GLU A 9 13.36 6.75 -23.65
C GLU A 9 13.11 7.05 -25.13
N GLN A 10 12.15 7.94 -25.38
CA GLN A 10 12.06 8.56 -26.69
C GLN A 10 12.60 9.98 -26.58
N ILE A 11 13.56 10.30 -27.44
CA ILE A 11 14.07 11.65 -27.61
C ILE A 11 14.00 11.99 -29.11
N GLY A 12 13.00 12.77 -29.50
CA GLY A 12 12.79 13.07 -30.90
C GLY A 12 12.53 11.80 -31.70
N ASP A 13 13.35 11.56 -32.73
CA ASP A 13 13.20 10.35 -33.55
C ASP A 13 14.12 9.19 -33.15
N SER A 14 14.70 9.30 -31.97
CA SER A 14 15.54 8.23 -31.45
C SER A 14 14.90 7.59 -30.22
N ILE A 15 15.02 6.27 -30.15
CA ILE A 15 14.85 5.55 -28.91
C ILE A 15 16.24 5.46 -28.29
N PHE A 16 16.35 5.89 -27.04
CA PHE A 16 17.56 5.66 -26.24
C PHE A 16 17.31 4.54 -25.24
N GLU A 17 18.11 3.48 -25.34
CA GLU A 17 17.93 2.29 -24.52
C GLU A 17 19.21 1.87 -23.78
N ARG A 18 19.11 1.75 -22.46
CA ARG A 18 20.17 1.12 -21.67
C ARG A 18 19.71 -0.32 -21.48
N TYR A 19 20.61 -1.27 -21.67
CA TYR A 19 20.24 -2.68 -21.57
C TYR A 19 21.39 -3.54 -21.10
N ILE A 20 21.05 -4.76 -20.69
CA ILE A 20 22.02 -5.79 -20.38
C ILE A 20 22.11 -6.73 -21.58
N ASP A 21 23.28 -6.81 -22.21
CA ASP A 21 23.47 -7.67 -23.39
C ASP A 21 23.61 -9.15 -23.02
N SER A 22 23.79 -9.98 -24.04
CA SER A 22 23.84 -11.44 -23.87
C SER A 22 24.99 -11.94 -23.00
N ASN A 23 25.95 -11.07 -22.69
CA ASN A 23 27.11 -11.42 -21.86
C ASN A 23 27.08 -10.81 -20.46
N GLY A 24 25.96 -10.17 -20.12
CA GLY A 24 25.78 -9.59 -18.80
C GLY A 24 26.31 -8.19 -18.64
N ARG A 25 26.81 -7.62 -19.73
CA ARG A 25 27.34 -6.25 -19.73
C ARG A 25 26.24 -5.20 -19.96
N GLU A 26 26.34 -4.09 -19.22
CA GLU A 26 25.51 -2.92 -19.49
C GLU A 26 25.98 -2.20 -20.76
N ARG A 27 25.02 -1.90 -21.64
CA ARG A 27 25.28 -1.15 -22.86
C ARG A 27 24.25 -0.03 -23.01
N THR A 28 24.53 0.89 -23.92
CA THR A 28 23.56 1.90 -24.31
C THR A 28 23.54 1.95 -25.84
N ARG A 29 22.39 2.28 -26.40
CA ARG A 29 22.30 2.40 -27.85
C ARG A 29 21.22 3.40 -28.21
N GLU A 30 21.36 3.97 -29.40
CA GLU A 30 20.39 4.90 -29.96
C GLU A 30 19.83 4.21 -31.17
N VAL A 31 18.51 4.09 -31.23
CA VAL A 31 17.89 3.41 -32.36
C VAL A 31 16.85 4.32 -32.99
N GLU A 32 16.91 4.41 -34.31
CA GLU A 32 16.00 5.23 -35.09
C GLU A 32 14.81 4.36 -35.44
N TYR A 33 14.02 4.10 -34.41
CA TYR A 33 12.94 3.16 -34.47
C TYR A 33 11.84 3.65 -35.41
N LYS A 34 11.40 2.77 -36.30
CA LYS A 34 10.30 3.12 -37.18
C LYS A 34 9.03 2.49 -36.63
N PRO A 35 8.16 3.33 -36.05
CA PRO A 35 6.94 2.78 -35.49
C PRO A 35 5.95 2.38 -36.58
N SER A 36 5.04 1.48 -36.23
CA SER A 36 3.87 1.26 -37.04
C SER A 36 2.61 1.67 -36.30
N LEU A 37 1.63 2.17 -37.06
CA LEU A 37 0.28 2.39 -36.58
C LEU A 37 -0.66 1.84 -37.64
N PHE A 38 -1.98 1.91 -37.39
CA PHE A 38 -2.95 1.15 -38.16
C PHE A 38 -4.21 1.92 -38.49
N ALA A 39 -4.77 1.67 -39.68
CA ALA A 39 -6.06 2.20 -40.07
C ALA A 39 -6.95 1.05 -40.52
N HIS A 40 -8.24 1.16 -40.26
CA HIS A 40 -9.20 0.26 -40.87
C HIS A 40 -9.05 0.30 -42.37
N CYS A 41 -9.25 -0.85 -43.02
CA CYS A 41 -9.17 -0.95 -44.47
C CYS A 41 -10.32 -1.82 -45.01
N PRO A 42 -10.56 -1.80 -46.35
CA PRO A 42 -11.67 -2.63 -46.89
C PRO A 42 -11.48 -4.13 -46.64
N GLU A 43 -12.60 -4.85 -46.58
CA GLU A 43 -12.62 -6.31 -46.42
C GLU A 43 -11.77 -7.03 -47.47
N SER A 44 -12.00 -6.68 -48.74
CA SER A 44 -11.31 -7.27 -49.88
C SER A 44 -9.89 -6.71 -50.05
N GLN A 45 -9.17 -6.64 -48.94
CA GLN A 45 -7.77 -6.25 -48.94
C GLN A 45 -7.00 -7.17 -47.99
N ALA A 46 -6.15 -8.01 -48.60
CA ALA A 46 -5.37 -9.05 -47.90
C ALA A 46 -4.53 -8.50 -46.75
N THR A 47 -4.92 -8.85 -45.52
CA THR A 47 -4.15 -8.43 -44.37
C THR A 47 -4.12 -9.49 -43.28
N LYS A 48 -3.15 -9.38 -42.39
CA LYS A 48 -3.04 -10.24 -41.24
C LYS A 48 -3.35 -9.51 -39.93
N TYR A 49 -3.68 -8.21 -40.02
CA TYR A 49 -3.92 -7.39 -38.83
C TYR A 49 -5.39 -7.08 -38.68
N PHE A 50 -5.92 -7.37 -37.51
CA PHE A 50 -7.34 -7.12 -37.24
C PHE A 50 -7.48 -6.39 -35.92
N ASP A 51 -8.40 -5.42 -35.86
CA ASP A 51 -8.71 -4.81 -34.57
C ASP A 51 -9.35 -5.84 -33.63
N ILE A 52 -9.68 -5.45 -32.39
CA ILE A 52 -10.07 -6.48 -31.41
C ILE A 52 -11.48 -6.99 -31.68
N TYR A 53 -12.18 -6.29 -32.56
CA TYR A 53 -13.53 -6.64 -32.98
C TYR A 53 -13.54 -7.45 -34.27
N GLY A 54 -12.36 -7.78 -34.81
CA GLY A 54 -12.28 -8.60 -36.02
C GLY A 54 -12.31 -7.83 -37.32
N LYS A 55 -12.27 -6.51 -37.25
CA LYS A 55 -12.28 -5.71 -38.48
C LYS A 55 -10.84 -5.56 -39.01
N PRO A 56 -10.67 -5.67 -40.35
CA PRO A 56 -9.33 -5.67 -40.96
C PRO A 56 -8.65 -4.30 -40.92
N CYS A 57 -7.34 -4.33 -40.72
CA CYS A 57 -6.52 -3.14 -40.62
C CYS A 57 -5.33 -3.21 -41.55
N THR A 58 -4.89 -2.06 -42.01
CA THR A 58 -3.63 -1.99 -42.76
C THR A 58 -2.59 -1.36 -41.84
N ARG A 59 -1.37 -1.87 -41.94
CA ARG A 59 -0.26 -1.33 -41.17
C ARG A 59 0.36 -0.17 -41.94
N LYS A 60 0.61 0.92 -41.21
CA LYS A 60 1.33 2.05 -41.76
C LYS A 60 2.67 2.21 -41.05
N LEU A 61 3.74 1.93 -41.78
CA LEU A 61 5.11 2.00 -41.27
C LEU A 61 5.61 3.43 -41.54
N PHE A 62 6.11 4.11 -40.52
CA PHE A 62 6.49 5.50 -40.68
C PHE A 62 8.00 5.69 -40.74
N ALA A 63 8.44 6.70 -41.51
CA ALA A 63 9.87 7.03 -41.61
C ALA A 63 10.51 7.30 -40.24
N ASN A 64 9.73 7.86 -39.32
CA ASN A 64 10.24 8.19 -37.99
C ASN A 64 9.07 8.39 -37.04
N MET A 65 9.36 8.52 -35.75
CA MET A 65 8.31 8.61 -34.75
C MET A 65 7.51 9.91 -34.85
N ARG A 66 8.19 11.01 -35.18
CA ARG A 66 7.49 12.29 -35.34
C ARG A 66 6.46 12.28 -36.47
N ASP A 67 6.71 11.50 -37.52
CA ASP A 67 5.72 11.32 -38.60
C ASP A 67 4.48 10.56 -38.14
N ALA A 68 4.68 9.48 -37.39
CA ALA A 68 3.58 8.75 -36.73
C ALA A 68 2.71 9.65 -35.85
N SER A 69 3.34 10.51 -35.06
CA SER A 69 2.64 11.48 -34.21
C SER A 69 1.81 12.47 -35.03
N GLN A 70 2.44 13.08 -36.04
CA GLN A 70 1.73 14.00 -36.91
C GLN A 70 0.57 13.32 -37.62
N TRP A 71 0.77 12.07 -38.01
CA TRP A 71 -0.29 11.29 -38.66
C TRP A 71 -1.46 11.12 -37.74
N ILE A 72 -1.18 10.81 -36.48
CA ILE A 72 -2.23 10.70 -35.46
C ILE A 72 -3.08 11.97 -35.41
N LYS A 73 -2.43 13.14 -35.38
CA LYS A 73 -3.14 14.43 -35.43
C LYS A 73 -4.03 14.58 -36.67
N ARG A 74 -3.46 14.28 -37.84
CA ARG A 74 -4.22 14.43 -39.09
C ARG A 74 -5.44 13.52 -39.14
N MET A 75 -5.33 12.34 -38.53
CA MET A 75 -6.46 11.39 -38.47
C MET A 75 -7.61 11.91 -37.62
N GLU A 76 -7.27 12.64 -36.55
CA GLU A 76 -8.27 13.33 -35.74
C GLU A 76 -8.92 14.48 -36.53
N ASP A 77 -8.11 15.32 -37.18
CA ASP A 77 -8.65 16.38 -38.04
C ASP A 77 -9.54 15.84 -39.14
N ILE A 78 -9.31 14.60 -39.56
CA ILE A 78 -10.16 13.95 -40.55
C ILE A 78 -11.38 13.33 -39.86
N GLY A 79 -11.20 12.84 -38.63
CA GLY A 79 -12.28 12.16 -37.90
C GLY A 79 -12.26 10.64 -38.02
N LEU A 80 -11.08 10.05 -38.01
CA LEU A 80 -10.94 8.61 -38.16
C LEU A 80 -9.99 8.07 -37.12
N GLU A 81 -10.26 6.83 -36.70
CA GLU A 81 -9.44 6.21 -35.67
C GLU A 81 -8.02 5.90 -36.17
N ALA A 82 -7.02 6.38 -35.43
CA ALA A 82 -5.63 6.04 -35.67
C ALA A 82 -5.33 4.96 -34.65
N LEU A 83 -5.28 3.71 -35.09
CA LEU A 83 -5.16 2.56 -34.20
C LEU A 83 -3.70 2.23 -33.86
N GLY A 84 -3.47 1.56 -32.73
CA GLY A 84 -2.13 1.07 -32.39
C GLY A 84 -1.49 1.73 -31.19
N MET A 85 -0.32 1.22 -30.78
CA MET A 85 0.40 1.74 -29.62
C MET A 85 1.04 3.10 -29.92
N ASP A 86 0.40 4.14 -29.40
CA ASP A 86 0.85 5.51 -29.62
C ASP A 86 2.04 5.87 -28.71
N ASP A 87 2.28 5.08 -27.67
CA ASP A 87 3.47 5.27 -26.84
C ASP A 87 4.62 4.44 -27.46
N PHE A 88 5.43 5.10 -28.28
CA PHE A 88 6.35 4.40 -29.17
C PHE A 88 7.42 3.59 -28.45
N LYS A 89 7.81 4.02 -27.25
CA LYS A 89 8.80 3.24 -26.51
C LYS A 89 8.25 1.91 -26.00
N LEU A 90 6.94 1.84 -25.75
CA LEU A 90 6.29 0.56 -25.43
C LEU A 90 6.27 -0.39 -26.62
N ALA A 91 6.08 0.14 -27.84
CA ALA A 91 6.13 -0.71 -29.05
C ALA A 91 7.56 -1.20 -29.31
N TYR A 92 8.54 -0.32 -29.09
CA TYR A 92 9.97 -0.68 -29.18
C TYR A 92 10.32 -1.84 -28.23
N LEU A 93 9.87 -1.75 -26.98
CA LEU A 93 10.15 -2.84 -26.02
C LEU A 93 9.47 -4.14 -26.47
N SER A 94 8.27 -4.00 -27.00
CA SER A 94 7.54 -5.14 -27.48
C SER A 94 8.22 -5.83 -28.66
N ASP A 95 8.80 -5.03 -29.57
CA ASP A 95 9.51 -5.53 -30.74
C ASP A 95 10.88 -6.11 -30.35
N THR A 96 11.57 -5.43 -29.43
CA THR A 96 12.94 -5.80 -29.05
C THR A 96 12.99 -6.99 -28.09
N TYR A 97 11.96 -7.16 -27.26
CA TYR A 97 11.91 -8.22 -26.23
C TYR A 97 10.67 -9.09 -26.41
N ASN A 98 10.60 -9.77 -27.55
CA ASN A 98 9.42 -10.56 -27.89
C ASN A 98 9.47 -11.96 -27.26
N TYR A 99 9.58 -11.97 -25.94
CA TYR A 99 9.64 -13.18 -25.14
C TYR A 99 9.39 -12.75 -23.70
N GLU A 100 9.15 -13.70 -22.81
CA GLU A 100 9.02 -13.41 -21.38
C GLU A 100 10.39 -13.00 -20.81
N ILE A 101 10.48 -11.81 -20.21
CA ILE A 101 11.77 -11.30 -19.76
C ILE A 101 12.26 -12.00 -18.51
N LYS A 102 13.45 -12.56 -18.62
CA LYS A 102 14.16 -13.17 -17.52
C LYS A 102 15.25 -12.17 -17.13
N TYR A 103 15.07 -11.48 -16.00
CA TYR A 103 16.04 -10.46 -15.57
C TYR A 103 16.93 -10.95 -14.45
N ASP A 104 18.08 -10.31 -14.30
CA ASP A 104 19.05 -10.68 -13.30
C ASP A 104 19.35 -9.43 -12.48
N HIS A 105 18.81 -9.37 -11.26
CA HIS A 105 18.85 -8.13 -10.48
C HIS A 105 20.26 -7.73 -10.11
N THR A 106 21.18 -8.70 -10.01
CA THR A 106 22.57 -8.41 -9.65
C THR A 106 23.26 -7.59 -10.75
N LYS A 107 22.66 -7.52 -11.94
CA LYS A 107 23.19 -6.73 -13.05
C LYS A 107 22.57 -5.34 -13.12
N ILE A 108 21.53 -5.10 -12.32
CA ILE A 108 20.85 -3.81 -12.35
C ILE A 108 21.41 -2.89 -11.27
N ARG A 109 21.89 -1.71 -11.67
CA ARG A 109 22.48 -0.79 -10.72
C ARG A 109 21.41 -0.04 -9.95
N VAL A 110 21.28 -0.36 -8.67
CA VAL A 110 20.30 0.28 -7.80
C VAL A 110 21.02 1.22 -6.87
N ALA A 111 20.69 2.52 -6.99
CA ALA A 111 21.37 3.55 -6.21
C ALA A 111 20.43 4.12 -5.17
N ASN A 112 20.90 4.15 -3.92
CA ASN A 112 20.20 4.71 -2.77
C ASN A 112 21.00 5.89 -2.29
N PHE A 113 20.43 7.09 -2.33
CA PHE A 113 21.20 8.25 -1.86
C PHE A 113 20.41 9.19 -0.98
N ASP A 114 21.15 10.00 -0.24
CA ASP A 114 20.56 11.04 0.58
C ASP A 114 21.59 12.15 0.69
N ILE A 115 21.13 13.40 0.67
CA ILE A 115 22.00 14.55 0.75
C ILE A 115 21.73 15.34 2.05
N GLU A 116 22.72 16.14 2.48
CA GLU A 116 22.51 17.11 3.55
C GLU A 116 22.79 18.52 3.05
N VAL A 117 21.99 19.48 3.52
CA VAL A 117 22.08 20.89 3.14
C VAL A 117 21.77 21.69 4.42
N THR A 118 22.79 22.37 4.97
CA THR A 118 22.61 23.26 6.15
C THR A 118 21.90 24.53 5.73
N SER A 119 20.82 24.87 6.41
CA SER A 119 20.08 26.11 6.12
C SER A 119 19.65 26.92 7.35
N PRO A 120 20.25 28.11 7.55
CA PRO A 120 19.91 29.04 8.64
C PRO A 120 18.52 29.69 8.55
N ASP A 121 18.04 29.93 7.33
CA ASP A 121 16.77 30.65 7.12
C ASP A 121 15.58 29.73 6.80
N GLY A 122 15.50 28.60 7.48
CA GLY A 122 14.39 27.68 7.28
C GLY A 122 14.69 26.64 6.23
N PHE A 123 13.63 26.07 5.64
CA PHE A 123 13.76 24.91 4.76
C PHE A 123 14.37 25.26 3.41
N PRO A 124 15.39 24.48 2.98
CA PRO A 124 16.06 24.75 1.70
C PRO A 124 15.24 24.28 0.51
N GLU A 125 14.57 25.23 -0.13
CA GLU A 125 13.76 24.94 -1.30
C GLU A 125 14.63 24.42 -2.45
N PRO A 126 14.34 23.19 -2.91
CA PRO A 126 15.07 22.61 -4.05
C PRO A 126 15.07 23.49 -5.30
N SER A 127 13.96 24.18 -5.62
CA SER A 127 13.91 25.03 -6.82
C SER A 127 14.83 26.25 -6.71
N GLN A 128 15.10 26.70 -5.49
CA GLN A 128 16.07 27.77 -5.25
C GLN A 128 17.52 27.28 -5.17
N ALA A 129 17.75 26.22 -4.39
CA ALA A 129 19.08 25.63 -4.16
C ALA A 129 20.17 26.65 -3.84
N LYS A 130 19.92 27.47 -2.82
CA LYS A 130 20.79 28.59 -2.54
C LYS A 130 21.79 28.29 -1.44
N HIS A 131 21.74 27.10 -0.89
CA HIS A 131 22.70 26.69 0.13
C HIS A 131 23.58 25.57 -0.35
N PRO A 132 24.84 25.53 0.16
CA PRO A 132 25.73 24.44 -0.25
C PRO A 132 25.22 23.05 0.14
N ILE A 133 25.40 22.09 -0.76
CA ILE A 133 25.21 20.69 -0.44
C ILE A 133 26.45 20.29 0.34
N ASP A 134 26.29 19.93 1.61
CA ASP A 134 27.48 19.62 2.44
C ASP A 134 27.74 18.13 2.78
N ALA A 135 26.84 17.24 2.36
CA ALA A 135 27.07 15.80 2.50
C ALA A 135 26.22 15.04 1.51
N ILE A 136 26.80 14.02 0.89
CA ILE A 136 26.07 13.06 0.07
C ILE A 136 26.51 11.66 0.46
N THR A 137 25.58 10.80 0.84
CA THR A 137 25.88 9.39 0.91
C THR A 137 25.11 8.70 -0.22
N HIS A 138 25.82 7.92 -1.02
CA HIS A 138 25.27 7.26 -2.20
C HIS A 138 25.68 5.81 -2.13
N TYR A 139 24.72 4.94 -1.79
CA TYR A 139 24.94 3.50 -1.80
C TYR A 139 24.74 2.92 -3.22
N ASP A 140 25.66 2.06 -3.65
CA ASP A 140 25.56 1.43 -4.96
C ASP A 140 25.39 -0.08 -4.76
N SER A 141 24.33 -0.66 -5.32
CA SER A 141 24.02 -2.08 -5.07
C SER A 141 25.00 -3.05 -5.73
N ILE A 142 25.61 -2.63 -6.84
CA ILE A 142 26.59 -3.47 -7.57
C ILE A 142 27.94 -3.59 -6.82
N ASP A 143 28.50 -2.46 -6.41
CA ASP A 143 29.69 -2.43 -5.54
C ASP A 143 29.36 -2.83 -4.10
N ASP A 144 28.10 -2.67 -3.70
CA ASP A 144 27.72 -2.88 -2.32
C ASP A 144 28.56 -1.95 -1.41
N ARG A 145 28.61 -0.66 -1.74
CA ARG A 145 29.44 0.30 -1.01
C ARG A 145 28.70 1.62 -0.79
N PHE A 146 28.86 2.22 0.39
CA PHE A 146 28.32 3.54 0.66
C PHE A 146 29.42 4.54 0.34
N TYR A 147 29.20 5.38 -0.65
CA TYR A 147 30.17 6.41 -0.99
C TYR A 147 29.73 7.73 -0.32
N VAL A 148 30.60 8.24 0.54
CA VAL A 148 30.33 9.42 1.38
C VAL A 148 31.10 10.64 0.88
N PHE A 149 30.36 11.67 0.45
CA PHE A 149 30.96 12.89 -0.05
C PHE A 149 30.77 13.96 1.01
N ASP A 150 31.86 14.36 1.64
CA ASP A 150 31.79 15.18 2.85
C ASP A 150 32.44 16.55 2.68
N LEU A 151 31.65 17.61 2.83
CA LEU A 151 32.17 18.98 2.66
C LEU A 151 32.76 19.50 3.96
N LEU A 152 34.06 19.79 3.94
CA LEU A 152 34.79 20.27 5.13
C LEU A 152 34.75 21.78 5.34
N ASN A 153 34.60 22.52 4.24
CA ASN A 153 34.60 23.99 4.24
C ASN A 153 33.38 24.57 3.56
N SER A 154 32.68 25.44 4.28
CA SER A 154 31.40 25.95 3.83
C SER A 154 31.31 27.35 4.35
N PRO A 155 30.46 28.20 3.74
CA PRO A 155 30.10 29.45 4.39
C PRO A 155 29.45 29.27 5.78
N TYR A 156 28.92 28.08 6.10
CA TYR A 156 28.27 27.90 7.40
C TYR A 156 29.14 27.18 8.44
N GLY A 157 30.40 26.96 8.08
CA GLY A 157 31.35 26.40 9.04
C GLY A 157 32.42 25.56 8.38
N ASN A 158 33.63 25.66 8.89
CA ASN A 158 34.69 24.73 8.56
C ASN A 158 34.78 23.64 9.61
N VAL A 159 34.84 22.40 9.17
CA VAL A 159 34.83 21.26 10.09
C VAL A 159 36.00 20.31 9.88
N GLU A 160 36.17 19.37 10.80
CA GLU A 160 37.20 18.32 10.71
C GLU A 160 36.67 17.12 9.97
N GLU A 161 37.55 16.22 9.53
CA GLU A 161 37.10 15.01 8.81
C GLU A 161 36.25 14.16 9.72
N TRP A 162 35.40 13.34 9.14
CA TRP A 162 34.58 12.43 9.92
C TRP A 162 35.43 11.25 10.26
N SER A 163 35.23 10.70 11.45
CA SER A 163 36.04 9.59 11.93
C SER A 163 35.27 8.26 11.94
N ILE A 164 35.68 7.34 11.11
CA ILE A 164 35.05 6.03 11.05
C ILE A 164 35.16 5.26 12.37
N GLU A 165 36.24 5.49 13.11
CA GLU A 165 36.43 4.80 14.41
C GLU A 165 35.42 5.28 15.45
N ILE A 166 35.22 6.60 15.52
CA ILE A 166 34.19 7.14 16.43
C ILE A 166 32.78 6.72 15.96
N ALA A 167 32.57 6.67 14.64
CA ALA A 167 31.30 6.27 14.06
C ALA A 167 30.87 4.86 14.47
N ALA A 168 31.85 3.95 14.52
CA ALA A 168 31.63 2.55 14.91
C ALA A 168 31.25 2.37 16.39
N LYS A 169 31.78 3.25 17.24
CA LYS A 169 31.67 3.12 18.71
C LYS A 169 30.22 3.21 19.18
N LEU A 170 29.93 2.61 20.34
CA LEU A 170 28.59 2.73 20.93
C LEU A 170 28.22 4.18 21.26
N GLN A 171 26.92 4.48 21.27
CA GLN A 171 26.44 5.78 21.74
C GLN A 171 26.93 6.01 23.18
N GLU A 172 27.08 4.94 23.96
CA GLU A 172 27.58 5.04 25.34
C GLU A 172 29.09 5.29 25.42
N GLN A 173 29.78 5.25 24.29
CA GLN A 173 31.22 5.53 24.23
C GLN A 173 31.49 6.89 23.65
N GLY A 174 30.43 7.58 23.27
CA GLY A 174 30.56 8.86 22.59
C GLY A 174 30.50 8.68 21.10
N GLY A 175 30.23 7.45 20.66
CA GLY A 175 30.16 7.14 19.24
C GLY A 175 28.79 7.28 18.63
N ASP A 176 28.67 6.87 17.36
CA ASP A 176 27.43 7.10 16.61
C ASP A 176 26.69 5.80 16.29
N GLU A 177 27.28 4.67 16.69
CA GLU A 177 26.73 3.33 16.42
C GLU A 177 26.27 3.13 14.99
N VAL A 178 27.08 3.55 14.03
CA VAL A 178 26.87 3.13 12.66
C VAL A 178 27.00 1.61 12.73
N PRO A 179 26.00 0.86 12.22
CA PRO A 179 25.99 -0.60 12.35
C PRO A 179 27.28 -1.22 11.81
N SER A 180 27.87 -2.14 12.57
CA SER A 180 29.16 -2.73 12.22
C SER A 180 29.15 -3.49 10.88
N GLU A 181 28.01 -4.05 10.48
CA GLU A 181 27.95 -4.79 9.21
C GLU A 181 28.12 -3.89 7.97
N ILE A 182 28.10 -2.57 8.15
CA ILE A 182 28.32 -1.68 7.02
C ILE A 182 29.63 -0.86 7.14
N ILE A 183 30.31 -0.94 8.29
CA ILE A 183 31.52 -0.15 8.50
C ILE A 183 32.57 -0.40 7.42
N ASP A 184 32.75 -1.65 7.01
CA ASP A 184 33.72 -1.99 5.97
C ASP A 184 33.26 -1.61 4.57
N LYS A 185 32.02 -1.14 4.45
CA LYS A 185 31.46 -0.88 3.13
C LYS A 185 31.46 0.61 2.82
N ILE A 186 32.01 1.41 3.74
CA ILE A 186 32.07 2.88 3.56
C ILE A 186 33.36 3.32 2.87
N ILE A 187 33.19 4.14 1.84
CA ILE A 187 34.31 4.72 1.13
C ILE A 187 34.09 6.21 1.33
N TYR A 188 34.93 6.78 2.18
CA TYR A 188 34.80 8.15 2.65
C TYR A 188 35.69 9.13 1.89
N MET A 189 35.09 10.22 1.41
CA MET A 189 35.82 11.22 0.60
C MET A 189 35.53 12.65 1.07
N PRO A 190 36.48 13.24 1.83
CA PRO A 190 36.26 14.61 2.29
C PRO A 190 36.62 15.61 1.20
N PHE A 191 35.92 16.74 1.15
CA PHE A 191 36.24 17.76 0.16
C PHE A 191 36.51 19.13 0.77
N ASP A 192 37.49 19.80 0.18
CA ASP A 192 37.96 21.11 0.60
C ASP A 192 36.97 22.24 0.19
N ASN A 193 36.25 22.04 -0.92
CA ASN A 193 35.24 22.98 -1.37
C ASN A 193 34.08 22.30 -2.13
N GLU A 194 32.91 22.94 -2.12
CA GLU A 194 31.71 22.40 -2.73
C GLU A 194 31.87 22.09 -4.23
N LYS A 195 32.52 22.99 -4.98
CA LYS A 195 32.63 22.79 -6.42
C LYS A 195 33.29 21.46 -6.70
N GLU A 196 34.35 21.18 -5.97
CA GLU A 196 35.11 19.94 -6.16
C GLU A 196 34.27 18.70 -5.82
N LEU A 197 33.57 18.75 -4.68
CA LEU A 197 32.65 17.68 -4.27
C LEU A 197 31.67 17.33 -5.42
N LEU A 198 30.99 18.33 -5.93
CA LEU A 198 29.99 18.13 -6.98
C LEU A 198 30.63 17.63 -8.28
N MET A 199 31.79 18.18 -8.63
CA MET A 199 32.48 17.73 -9.83
C MET A 199 32.86 16.27 -9.72
N GLU A 200 33.32 15.87 -8.53
CA GLU A 200 33.63 14.47 -8.25
C GLU A 200 32.37 13.62 -8.27
N TYR A 201 31.29 14.14 -7.69
CA TYR A 201 30.01 13.40 -7.64
C TYR A 201 29.51 13.06 -9.04
N LEU A 202 29.58 14.03 -9.95
CA LEU A 202 29.19 13.83 -11.34
C LEU A 202 30.10 12.87 -12.09
N ASN A 203 31.41 12.94 -11.85
CA ASN A 203 32.34 11.95 -12.40
C ASN A 203 32.07 10.53 -11.89
N PHE A 204 31.79 10.43 -10.59
CA PHE A 204 31.41 9.17 -9.96
C PHE A 204 30.09 8.69 -10.60
N TRP A 205 29.12 9.59 -10.71
CA TRP A 205 27.80 9.26 -11.25
C TRP A 205 27.91 8.70 -12.65
N GLN A 206 28.76 9.33 -13.47
CA GLN A 206 29.05 8.84 -14.83
C GLN A 206 29.59 7.39 -14.85
N GLN A 207 30.50 7.08 -13.92
CA GLN A 207 31.06 5.74 -13.83
C GLN A 207 30.01 4.73 -13.37
N LYS A 208 29.15 5.17 -12.48
CA LYS A 208 28.19 4.29 -11.82
C LYS A 208 26.81 4.93 -11.95
N THR A 209 26.29 4.96 -13.17
CA THR A 209 25.03 5.63 -13.48
C THR A 209 23.86 4.79 -13.03
N PRO A 210 23.08 5.31 -12.08
CA PRO A 210 21.96 4.53 -11.56
C PRO A 210 21.03 4.06 -12.69
N VAL A 211 20.48 2.86 -12.53
CA VAL A 211 19.38 2.44 -13.36
C VAL A 211 18.12 2.76 -12.59
N ILE A 212 18.03 2.18 -11.39
CA ILE A 212 16.98 2.51 -10.43
C ILE A 212 17.59 3.48 -9.42
N LEU A 213 16.89 4.59 -9.22
CA LEU A 213 17.34 5.62 -8.30
C LEU A 213 16.28 5.77 -7.22
N THR A 214 16.70 5.58 -5.97
CA THR A 214 15.74 5.62 -4.89
C THR A 214 16.37 6.27 -3.68
N GLY A 215 15.71 6.16 -2.53
CA GLY A 215 16.07 6.92 -1.33
C GLY A 215 14.78 7.50 -0.76
N TRP A 216 14.87 8.37 0.24
CA TRP A 216 13.69 8.86 0.92
C TRP A 216 13.39 10.29 0.57
N ASN A 217 12.28 10.54 -0.14
CA ASN A 217 11.94 11.88 -0.68
C ASN A 217 12.93 12.36 -1.73
N VAL A 218 13.56 11.44 -2.44
CA VAL A 218 14.53 11.84 -3.44
C VAL A 218 13.91 12.61 -4.59
N GLU A 219 12.68 12.25 -4.95
CA GLU A 219 12.01 12.84 -6.11
C GLU A 219 11.58 14.28 -5.84
N SER A 220 11.08 14.55 -4.64
CA SER A 220 10.64 15.89 -4.27
C SER A 220 11.75 16.78 -3.66
N PHE A 221 12.83 16.17 -3.16
CA PHE A 221 13.93 16.94 -2.54
C PHE A 221 15.34 16.68 -3.11
N ALA A 222 15.91 15.50 -2.83
CA ALA A 222 17.32 15.28 -3.20
C ALA A 222 17.64 15.53 -4.68
N ILE A 223 16.92 14.88 -5.59
CA ILE A 223 17.19 15.04 -7.02
C ILE A 223 17.01 16.51 -7.49
N PRO A 224 15.86 17.13 -7.15
CA PRO A 224 15.76 18.54 -7.60
C PRO A 224 16.78 19.49 -6.96
N TYR A 225 17.15 19.25 -5.70
CA TYR A 225 18.14 20.08 -5.04
C TYR A 225 19.54 19.92 -5.69
N VAL A 226 20.03 18.69 -5.77
CA VAL A 226 21.27 18.41 -6.52
C VAL A 226 21.24 19.02 -7.93
N TYR A 227 20.17 18.77 -8.68
CA TYR A 227 20.07 19.25 -10.06
C TYR A 227 20.15 20.78 -10.11
N ASN A 228 19.41 21.44 -9.23
CA ASN A 228 19.36 22.89 -9.24
C ASN A 228 20.60 23.57 -8.70
N ARG A 229 21.22 22.93 -7.71
CA ARG A 229 22.47 23.45 -7.12
C ARG A 229 23.61 23.42 -8.14
N ILE A 230 23.77 22.28 -8.81
CA ILE A 230 24.77 22.14 -9.88
C ILE A 230 24.48 23.13 -11.01
N LYS A 231 23.20 23.27 -11.37
CA LYS A 231 22.75 24.25 -12.35
C LYS A 231 23.17 25.68 -11.97
N ASN A 232 22.95 26.05 -10.71
CA ASN A 232 23.32 27.36 -10.24
C ASN A 232 24.83 27.66 -10.27
N ILE A 233 25.62 26.68 -9.85
CA ILE A 233 27.07 26.81 -9.77
C ILE A 233 27.76 26.70 -11.13
N PHE A 234 27.35 25.73 -11.95
CA PHE A 234 28.08 25.36 -13.17
C PHE A 234 27.34 25.63 -14.48
N GLY A 235 26.02 25.79 -14.41
CA GLY A 235 25.23 25.89 -15.64
C GLY A 235 24.44 24.60 -15.92
N GLU A 236 23.46 24.71 -16.81
CA GLU A 236 22.54 23.62 -17.11
C GLU A 236 23.16 22.35 -17.68
N SER A 237 24.14 22.53 -18.57
CA SER A 237 24.70 21.40 -19.31
C SER A 237 25.45 20.48 -18.35
N THR A 238 26.01 21.07 -17.31
CA THR A 238 26.70 20.27 -16.30
C THR A 238 25.66 19.53 -15.46
N ALA A 239 24.59 20.23 -15.10
CA ALA A 239 23.48 19.61 -14.36
C ALA A 239 22.80 18.45 -15.11
N LYS A 240 22.69 18.57 -16.44
CA LYS A 240 22.10 17.52 -17.28
C LYS A 240 22.93 16.22 -17.36
N ARG A 241 24.16 16.28 -16.87
CA ARG A 241 25.02 15.10 -16.69
C ARG A 241 24.45 14.05 -15.72
N LEU A 242 23.42 14.43 -14.95
CA LEU A 242 22.71 13.46 -14.11
C LEU A 242 21.88 12.49 -14.94
N SER A 243 21.61 12.89 -16.18
CA SER A 243 20.95 12.04 -17.15
C SER A 243 21.95 11.46 -18.12
N PRO A 244 21.95 10.13 -18.32
CA PRO A 244 22.99 9.56 -19.18
C PRO A 244 22.80 9.88 -20.67
N HIS A 245 21.67 10.51 -21.01
CA HIS A 245 21.47 11.01 -22.36
C HIS A 245 21.52 12.51 -22.38
N ARG A 246 21.96 13.12 -21.27
CA ARG A 246 22.00 14.59 -21.15
C ARG A 246 20.66 15.28 -21.42
N LYS A 247 19.56 14.58 -21.20
CA LYS A 247 18.26 15.22 -21.33
C LYS A 247 17.49 15.19 -20.01
N THR A 248 17.00 16.36 -19.60
CA THR A 248 16.15 16.44 -18.41
C THR A 248 14.97 17.35 -18.73
N ARG A 249 13.89 17.22 -17.95
CA ARG A 249 12.84 18.21 -18.03
C ARG A 249 12.24 18.47 -16.68
N VAL A 250 11.91 19.73 -16.45
CA VAL A 250 11.14 20.12 -15.29
C VAL A 250 9.72 19.62 -15.49
N LYS A 251 9.24 18.82 -14.54
CA LYS A 251 7.88 18.27 -14.63
C LYS A 251 7.01 18.78 -13.48
N VAL A 252 5.86 19.34 -13.87
CA VAL A 252 4.92 19.93 -12.92
C VAL A 252 3.97 18.87 -12.39
N ILE A 253 3.96 18.69 -11.08
CA ILE A 253 3.07 17.73 -10.42
C ILE A 253 1.84 18.45 -9.85
N GLU A 254 0.69 18.26 -10.50
CA GLU A 254 -0.57 18.95 -10.15
C GLU A 254 -1.50 18.08 -9.32
N ASN A 255 -1.91 18.61 -8.17
CA ASN A 255 -2.96 17.96 -7.38
C ASN A 255 -4.24 18.79 -7.42
N MET A 256 -5.23 18.40 -6.61
CA MET A 256 -6.51 19.10 -6.56
C MET A 256 -6.38 20.57 -6.11
N TYR A 257 -5.30 20.89 -5.38
CA TYR A 257 -5.17 22.19 -4.71
C TYR A 257 -3.90 23.02 -5.00
N GLY A 258 -3.07 22.56 -5.93
CA GLY A 258 -1.84 23.28 -6.30
C GLY A 258 -0.89 22.43 -7.14
N SER A 259 0.40 22.79 -7.10
CA SER A 259 1.45 22.00 -7.79
C SER A 259 2.88 22.24 -7.30
N ARG A 260 3.75 21.29 -7.66
CA ARG A 260 5.19 21.31 -7.30
C ARG A 260 6.02 20.85 -8.50
N GLU A 261 7.34 21.02 -8.41
CA GLU A 261 8.22 20.67 -9.53
C GLU A 261 9.25 19.58 -9.26
N ILE A 262 9.26 18.59 -10.15
CA ILE A 262 10.22 17.52 -10.11
C ILE A 262 11.07 17.55 -11.37
N ILE A 263 12.21 16.88 -11.34
CA ILE A 263 13.10 16.87 -12.48
C ILE A 263 13.11 15.45 -13.06
N THR A 264 12.76 15.34 -14.34
CA THR A 264 12.76 14.06 -15.00
C THR A 264 14.14 13.86 -15.60
N LEU A 265 14.83 12.81 -15.15
CA LEU A 265 16.12 12.46 -15.68
C LEU A 265 15.93 11.34 -16.71
N PHE A 266 15.99 11.69 -18.00
CA PHE A 266 15.88 10.66 -19.05
C PHE A 266 16.96 9.60 -18.90
N GLY A 267 16.57 8.33 -19.01
CA GLY A 267 17.52 7.21 -18.91
C GLY A 267 17.80 6.77 -17.48
N ILE A 268 17.10 7.39 -16.51
CA ILE A 268 17.04 6.93 -15.11
C ILE A 268 15.59 6.55 -14.73
N SER A 269 15.44 5.53 -13.87
CA SER A 269 14.12 5.17 -13.36
C SER A 269 14.10 5.49 -11.89
N VAL A 270 13.50 6.63 -11.57
CA VAL A 270 13.38 7.08 -10.20
C VAL A 270 12.21 6.40 -9.50
N LEU A 271 12.51 5.62 -8.47
CA LEU A 271 11.48 5.06 -7.59
C LEU A 271 11.69 5.58 -6.17
N ASP A 272 11.16 6.75 -5.87
CA ASP A 272 11.23 7.32 -4.52
C ASP A 272 10.65 6.33 -3.51
N TYR A 273 11.44 5.95 -2.49
CA TYR A 273 10.99 4.91 -1.54
C TYR A 273 9.77 5.35 -0.73
N ILE A 274 9.62 6.64 -0.44
CA ILE A 274 8.39 7.09 0.22
C ILE A 274 7.14 6.75 -0.64
N ASP A 275 7.26 6.90 -1.96
CA ASP A 275 6.15 6.62 -2.87
C ASP A 275 5.95 5.11 -3.05
N LEU A 276 7.05 4.36 -3.14
CA LEU A 276 6.99 2.91 -3.06
C LEU A 276 6.22 2.45 -1.80
N TYR A 277 6.58 3.01 -0.65
CA TYR A 277 5.99 2.59 0.61
C TYR A 277 4.52 2.92 0.66
N LYS A 278 4.15 4.12 0.23
CA LYS A 278 2.73 4.51 0.24
C LYS A 278 1.87 3.61 -0.66
N LYS A 279 2.40 3.16 -1.80
CA LYS A 279 1.60 2.37 -2.72
C LYS A 279 1.48 0.93 -2.25
N PHE A 280 2.59 0.39 -1.75
CA PHE A 280 2.74 -1.06 -1.57
C PHE A 280 2.63 -1.58 -0.14
N SER A 281 2.74 -0.69 0.85
CA SER A 281 2.81 -1.10 2.26
C SER A 281 1.48 -1.42 2.91
N PHE A 282 0.40 -0.81 2.41
CA PHE A 282 -0.95 -0.91 2.97
C PHE A 282 -0.98 -0.56 4.43
N THR A 283 -0.38 0.58 4.72
CA THR A 283 -0.47 1.25 6.01
C THR A 283 -1.00 2.66 5.74
N ASN A 284 -1.48 3.32 6.77
CA ASN A 284 -1.68 4.76 6.71
C ASN A 284 -1.02 5.26 7.98
N GLN A 285 -0.03 6.09 7.81
CA GLN A 285 0.84 6.45 8.92
C GLN A 285 0.54 7.87 9.43
N PRO A 286 0.69 8.10 10.75
CA PRO A 286 0.58 9.47 11.28
C PRO A 286 1.66 10.39 10.70
N SER A 287 2.79 9.82 10.32
CA SER A 287 3.94 10.60 9.83
C SER A 287 4.70 9.78 8.80
N TYR A 288 5.25 10.47 7.80
CA TYR A 288 6.13 9.80 6.81
C TYR A 288 7.61 10.23 6.84
N SER A 289 8.04 10.74 7.98
CA SER A 289 9.47 10.95 8.22
C SER A 289 10.16 9.59 8.30
N LEU A 290 11.40 9.55 7.85
CA LEU A 290 12.15 8.29 7.85
C LEU A 290 12.35 7.74 9.26
N ASP A 291 12.57 8.61 10.24
CA ASP A 291 12.67 8.22 11.66
C ASP A 291 11.44 7.46 12.13
N TYR A 292 10.28 8.01 11.80
CA TYR A 292 9.01 7.40 12.18
C TYR A 292 8.78 6.06 11.44
N ILE A 293 9.01 6.03 10.13
CA ILE A 293 8.80 4.80 9.37
C ILE A 293 9.84 3.73 9.77
N SER A 294 11.09 4.15 9.95
CA SER A 294 12.14 3.25 10.41
C SER A 294 11.76 2.61 11.72
N GLU A 295 11.26 3.43 12.64
CA GLU A 295 10.89 2.88 13.93
C GLU A 295 9.75 1.87 13.78
N PHE A 296 8.81 2.18 12.90
CA PHE A 296 7.63 1.32 12.75
C PHE A 296 8.04 0.00 12.09
N GLU A 297 8.91 0.06 11.09
CA GLU A 297 9.20 -1.12 10.31
C GLU A 297 10.25 -2.00 10.95
N LEU A 298 11.23 -1.38 11.59
CA LEU A 298 12.44 -2.05 12.03
C LEU A 298 12.57 -2.06 13.53
N ASN A 299 11.76 -1.25 14.20
CA ASN A 299 11.86 -1.11 15.64
C ASN A 299 13.21 -0.55 16.11
N VAL A 300 13.85 0.24 15.25
CA VAL A 300 15.07 0.95 15.60
C VAL A 300 14.66 2.30 16.16
N GLY A 301 15.50 2.88 17.04
CA GLY A 301 15.15 4.12 17.72
C GLY A 301 15.50 5.35 16.93
N LYS A 302 14.82 6.46 17.23
CA LYS A 302 15.07 7.74 16.56
C LYS A 302 16.55 8.18 16.60
N LEU A 303 17.06 8.64 15.45
CA LEU A 303 18.36 9.30 15.36
C LEU A 303 18.37 10.61 16.16
N LYS A 304 18.99 10.57 17.34
CA LYS A 304 18.90 11.67 18.31
C LYS A 304 20.12 12.61 18.35
N TYR A 305 19.86 13.92 18.45
CA TYR A 305 20.89 14.95 18.57
C TYR A 305 20.34 16.18 19.28
N ASP A 306 21.24 16.99 19.85
CA ASP A 306 20.89 18.27 20.47
C ASP A 306 20.77 19.37 19.43
N GLY A 307 19.97 20.39 19.73
CA GLY A 307 19.85 21.58 18.90
C GLY A 307 19.22 21.32 17.54
N PRO A 308 18.91 22.40 16.80
CA PRO A 308 18.24 22.23 15.51
C PRO A 308 19.15 21.59 14.46
N ILE A 309 18.55 20.92 13.49
CA ILE A 309 19.30 20.29 12.40
C ILE A 309 20.17 21.32 11.66
N SER A 310 19.75 22.58 11.71
CA SER A 310 20.45 23.69 11.06
C SER A 310 21.77 24.03 11.75
N LYS A 311 21.96 23.54 12.97
CA LYS A 311 23.19 23.82 13.69
C LYS A 311 23.98 22.55 13.96
N LEU A 312 23.46 21.42 13.48
CA LEU A 312 24.11 20.14 13.72
C LEU A 312 25.47 20.00 13.05
N ARG A 313 25.59 20.43 11.80
CA ARG A 313 26.90 20.33 11.14
C ARG A 313 28.04 21.03 11.92
N GLU A 314 27.80 22.26 12.37
CA GLU A 314 28.85 23.02 13.05
C GLU A 314 29.08 22.54 14.47
N SER A 315 28.01 22.15 15.15
CA SER A 315 28.12 21.70 16.52
C SER A 315 28.64 20.26 16.61
N ASN A 316 28.24 19.41 15.67
CA ASN A 316 28.60 18.01 15.71
C ASN A 316 28.62 17.34 14.33
N HIS A 317 29.60 17.74 13.52
CA HIS A 317 29.84 17.22 12.17
C HIS A 317 29.99 15.71 12.10
N GLN A 318 30.64 15.16 13.12
CA GLN A 318 30.82 13.72 13.26
C GLN A 318 29.47 13.00 13.25
N ARG A 319 28.57 13.40 14.13
CA ARG A 319 27.21 12.83 14.16
C ARG A 319 26.45 13.16 12.88
N TYR A 320 26.65 14.39 12.38
CA TYR A 320 26.01 14.85 11.15
C TYR A 320 26.25 13.90 9.98
N ILE A 321 27.51 13.56 9.72
CA ILE A 321 27.88 12.62 8.67
C ILE A 321 27.37 11.20 8.99
N SER A 322 27.53 10.76 10.24
CA SER A 322 27.10 9.43 10.63
C SER A 322 25.61 9.21 10.39
N TYR A 323 24.81 10.24 10.63
CA TYR A 323 23.37 10.16 10.51
C TYR A 323 22.96 10.16 9.07
N ASN A 324 23.71 10.88 8.24
CA ASN A 324 23.50 10.82 6.78
C ASN A 324 23.73 9.40 6.25
N ILE A 325 24.82 8.74 6.69
CA ILE A 325 25.09 7.34 6.29
C ILE A 325 23.98 6.41 6.81
N ILE A 326 23.65 6.54 8.09
CA ILE A 326 22.62 5.70 8.70
C ILE A 326 21.25 5.86 8.04
N ALA A 327 20.93 7.07 7.61
CA ALA A 327 19.66 7.30 6.93
C ALA A 327 19.55 6.55 5.60
N VAL A 328 20.65 6.45 4.88
CA VAL A 328 20.69 5.70 3.64
C VAL A 328 20.52 4.19 3.91
N TYR A 329 21.24 3.67 4.89
CA TYR A 329 21.14 2.27 5.30
C TYR A 329 19.74 1.88 5.79
N ARG A 330 19.02 2.81 6.39
CA ARG A 330 17.69 2.54 6.87
C ARG A 330 16.73 2.18 5.75
N VAL A 331 16.77 2.95 4.67
CA VAL A 331 15.98 2.63 3.49
C VAL A 331 16.28 1.22 2.96
N LEU A 332 17.57 0.86 2.87
CA LEU A 332 17.99 -0.49 2.45
C LEU A 332 17.40 -1.56 3.37
N GLN A 333 17.42 -1.28 4.68
CA GLN A 333 16.89 -2.18 5.68
C GLN A 333 15.39 -2.34 5.55
N ILE A 334 14.67 -1.25 5.31
CA ILE A 334 13.25 -1.37 5.03
C ILE A 334 13.05 -2.20 3.76
N ASP A 335 13.83 -1.94 2.71
CA ASP A 335 13.69 -2.74 1.51
C ASP A 335 14.03 -4.22 1.68
N ALA A 336 15.09 -4.55 2.41
CA ALA A 336 15.40 -5.96 2.71
C ALA A 336 14.21 -6.68 3.30
N LYS A 337 13.42 -5.94 4.08
CA LYS A 337 12.21 -6.46 4.68
C LYS A 337 11.01 -6.49 3.72
N ARG A 338 10.69 -5.33 3.17
CA ARG A 338 9.43 -5.12 2.42
C ARG A 338 9.49 -5.60 0.98
N GLN A 339 10.67 -5.49 0.38
CA GLN A 339 11.00 -6.03 -0.93
C GLN A 339 10.20 -5.31 -2.05
N PHE A 340 10.09 -4.01 -1.91
CA PHE A 340 9.35 -3.20 -2.88
C PHE A 340 10.13 -2.99 -4.17
N ILE A 341 11.46 -2.89 -4.10
CA ILE A 341 12.26 -2.74 -5.33
C ILE A 341 12.11 -4.01 -6.19
N ASN A 342 12.31 -5.16 -5.55
CA ASN A 342 12.07 -6.48 -6.15
C ASN A 342 10.69 -6.57 -6.84
N LEU A 343 9.67 -6.18 -6.11
CA LEU A 343 8.29 -6.17 -6.62
C LEU A 343 8.18 -5.29 -7.84
N SER A 344 8.82 -4.12 -7.80
CA SER A 344 8.75 -3.16 -8.88
C SER A 344 9.37 -3.72 -10.15
N LEU A 345 10.48 -4.43 -9.96
CA LEU A 345 11.21 -5.01 -11.07
C LEU A 345 10.40 -6.15 -11.70
N ASP A 346 9.85 -7.04 -10.86
CA ASP A 346 8.95 -8.10 -11.34
C ASP A 346 7.82 -7.57 -12.22
N MET A 347 7.08 -6.57 -11.72
CA MET A 347 5.88 -6.09 -12.40
C MET A 347 6.24 -5.32 -13.65
N GLY A 348 7.31 -4.52 -13.55
CA GLY A 348 7.77 -3.70 -14.68
C GLY A 348 8.18 -4.56 -15.86
N TYR A 349 8.96 -5.59 -15.59
CA TYR A 349 9.46 -6.48 -16.63
C TYR A 349 8.35 -7.38 -17.18
N TYR A 350 7.42 -7.78 -16.32
CA TYR A 350 6.28 -8.57 -16.75
C TYR A 350 5.45 -7.78 -17.74
N ALA A 351 5.18 -6.52 -17.41
CA ALA A 351 4.36 -5.64 -18.25
C ALA A 351 5.09 -5.12 -19.47
N LYS A 352 6.42 -5.13 -19.42
CA LYS A 352 7.31 -4.52 -20.43
C LYS A 352 7.14 -3.00 -20.51
N ILE A 353 7.27 -2.37 -19.36
CA ILE A 353 7.15 -0.94 -19.24
C ILE A 353 8.43 -0.40 -18.63
N GLN A 354 8.59 0.91 -18.71
CA GLN A 354 9.54 1.60 -17.85
C GLN A 354 9.22 1.18 -16.42
N ILE A 355 10.24 0.82 -15.63
CA ILE A 355 10.00 0.43 -14.23
C ILE A 355 9.17 1.47 -13.41
N GLN A 356 9.43 2.77 -13.58
CA GLN A 356 8.68 3.78 -12.80
C GLN A 356 7.18 3.81 -13.13
N SER A 357 6.79 3.17 -14.23
CA SER A 357 5.37 3.04 -14.59
C SER A 357 4.59 2.09 -13.67
N VAL A 358 5.27 1.24 -12.90
CA VAL A 358 4.54 0.39 -11.92
C VAL A 358 3.63 1.20 -10.98
N PHE A 359 3.91 2.50 -10.83
CA PHE A 359 3.03 3.40 -10.06
C PHE A 359 1.66 3.66 -10.74
N SER A 360 1.56 3.32 -12.02
CA SER A 360 0.32 3.54 -12.77
C SER A 360 -0.25 2.20 -13.27
N PRO A 361 -1.36 1.74 -12.66
CA PRO A 361 -2.08 0.52 -13.09
C PRO A 361 -2.66 0.60 -14.50
N ILE A 362 -3.05 1.81 -14.92
CA ILE A 362 -3.55 2.05 -16.31
C ILE A 362 -2.43 1.77 -17.35
N LYS A 363 -1.26 2.35 -17.11
CA LYS A 363 -0.10 2.13 -17.96
C LYS A 363 0.39 0.67 -17.93
N THR A 364 0.40 0.05 -16.75
CA THR A 364 0.81 -1.36 -16.60
C THR A 364 -0.07 -2.28 -17.43
N TRP A 365 -1.38 -2.09 -17.30
CA TRP A 365 -2.35 -2.92 -17.99
C TRP A 365 -2.46 -2.56 -19.44
N ASP A 366 -2.19 -1.31 -19.79
CA ASP A 366 -2.24 -0.95 -21.19
C ASP A 366 -1.15 -1.74 -21.91
N ALA A 367 0.01 -1.87 -21.26
CA ALA A 367 1.12 -2.60 -21.87
C ALA A 367 0.98 -4.12 -21.86
N ILE A 368 0.43 -4.68 -20.77
CA ILE A 368 0.15 -6.12 -20.73
C ILE A 368 -0.83 -6.50 -21.85
N ILE A 369 -1.93 -5.77 -21.96
CA ILE A 369 -2.96 -6.06 -22.95
C ILE A 369 -2.43 -5.82 -24.36
N PHE A 370 -1.66 -4.75 -24.55
CA PHE A 370 -1.02 -4.49 -25.85
C PHE A 370 -0.13 -5.66 -26.29
N ASN A 371 0.77 -6.12 -25.41
CA ASN A 371 1.68 -7.23 -25.73
C ASN A 371 0.96 -8.53 -26.03
N SER A 372 -0.07 -8.83 -25.23
CA SER A 372 -0.91 -10.00 -25.41
C SER A 372 -1.60 -10.01 -26.77
N LEU A 373 -2.23 -8.89 -27.12
CA LEU A 373 -2.91 -8.74 -28.40
C LEU A 373 -1.94 -8.73 -29.59
N LYS A 374 -0.81 -8.04 -29.45
CA LYS A 374 0.24 -8.03 -30.48
C LYS A 374 0.64 -9.45 -30.90
N GLU A 375 0.69 -10.36 -29.93
CA GLU A 375 0.97 -11.79 -30.18
C GLU A 375 0.09 -12.48 -31.22
N GLN A 376 -1.17 -12.07 -31.28
CA GLN A 376 -2.13 -12.69 -32.17
C GLN A 376 -2.31 -11.85 -33.44
N ASN A 377 -1.40 -10.89 -33.66
CA ASN A 377 -1.50 -9.91 -34.76
C ASN A 377 -2.73 -8.99 -34.67
N LYS A 378 -3.21 -8.78 -33.45
CA LYS A 378 -4.33 -7.88 -33.26
C LYS A 378 -3.87 -6.45 -32.94
N VAL A 379 -4.76 -5.50 -33.19
CA VAL A 379 -4.44 -4.10 -33.19
C VAL A 379 -5.33 -3.40 -32.15
N ILE A 380 -4.72 -2.66 -31.23
CA ILE A 380 -5.46 -2.04 -30.11
C ILE A 380 -6.19 -0.75 -30.57
N PRO A 381 -7.40 -0.48 -30.02
CA PRO A 381 -8.11 0.77 -30.43
C PRO A 381 -7.34 2.00 -29.98
N GLN A 382 -7.68 3.16 -30.54
CA GLN A 382 -7.13 4.42 -30.06
C GLN A 382 -7.83 4.83 -28.79
N GLY A 383 -7.09 5.46 -27.89
CA GLY A 383 -7.69 6.06 -26.70
C GLY A 383 -8.63 7.19 -27.10
N ARG A 384 -9.76 7.30 -26.39
CA ARG A 384 -10.76 8.32 -26.69
C ARG A 384 -11.05 9.17 -25.45
N SER A 385 -11.69 10.31 -25.69
CA SER A 385 -12.08 11.22 -24.65
C SER A 385 -13.38 10.74 -23.99
N HIS A 386 -13.46 10.80 -22.66
CA HIS A 386 -14.75 10.55 -21.99
C HIS A 386 -14.97 11.50 -20.87
N PRO A 387 -16.23 11.97 -20.70
CA PRO A 387 -16.61 12.75 -19.53
C PRO A 387 -16.68 11.82 -18.31
N VAL A 388 -16.16 12.29 -17.17
CA VAL A 388 -16.20 11.52 -15.93
C VAL A 388 -17.65 11.37 -15.46
N GLN A 389 -18.06 10.13 -15.22
CA GLN A 389 -19.42 9.82 -14.81
C GLN A 389 -19.40 8.85 -13.63
N PRO A 390 -20.21 9.11 -12.59
CA PRO A 390 -20.36 8.16 -11.48
C PRO A 390 -21.01 6.87 -11.93
N TYR A 391 -20.69 5.77 -11.25
CA TYR A 391 -21.39 4.51 -11.46
C TYR A 391 -21.40 3.73 -10.14
N PRO A 392 -22.34 2.76 -10.01
CA PRO A 392 -22.52 2.06 -8.72
C PRO A 392 -21.47 1.01 -8.42
N GLY A 393 -21.26 0.79 -7.12
CA GLY A 393 -20.23 -0.12 -6.64
C GLY A 393 -20.86 -1.27 -5.87
N ALA A 394 -20.28 -1.60 -4.72
CA ALA A 394 -20.68 -2.80 -3.99
C ALA A 394 -21.96 -2.62 -3.16
N PHE A 395 -22.55 -3.75 -2.79
CA PHE A 395 -23.57 -3.78 -1.76
C PHE A 395 -22.93 -4.01 -0.39
N VAL A 396 -23.48 -3.31 0.61
CA VAL A 396 -23.09 -3.45 2.01
C VAL A 396 -24.40 -3.59 2.83
N LYS A 397 -24.48 -4.65 3.63
CA LYS A 397 -25.68 -4.95 4.41
C LYS A 397 -25.65 -4.13 5.70
N GLU A 398 -26.81 -3.58 6.09
CA GLU A 398 -26.97 -2.86 7.34
C GLU A 398 -27.06 -3.84 8.53
N PRO A 399 -26.01 -3.92 9.38
CA PRO A 399 -26.13 -4.87 10.49
C PRO A 399 -27.00 -4.33 11.62
N ILE A 400 -27.66 -5.22 12.36
CA ILE A 400 -28.29 -4.81 13.60
C ILE A 400 -27.19 -4.62 14.66
N PRO A 401 -27.02 -3.37 15.16
CA PRO A 401 -25.98 -3.17 16.17
C PRO A 401 -26.21 -4.09 17.38
N ASN A 402 -25.16 -4.79 17.81
CA ASN A 402 -25.30 -5.80 18.84
C ASN A 402 -24.00 -6.47 19.12
N ARG A 403 -23.95 -7.17 20.25
CA ARG A 403 -22.94 -8.20 20.45
C ARG A 403 -23.34 -9.39 19.58
N TYR A 404 -22.34 -10.14 19.12
CA TYR A 404 -22.56 -11.38 18.38
C TYR A 404 -21.51 -12.38 18.88
N LYS A 405 -21.99 -13.45 19.50
CA LYS A 405 -21.15 -14.36 20.26
C LYS A 405 -20.25 -15.29 19.42
N TYR A 406 -20.85 -16.10 18.57
CA TYR A 406 -20.14 -17.05 17.71
C TYR A 406 -20.34 -16.61 16.27
N VAL A 407 -19.23 -16.27 15.61
CA VAL A 407 -19.29 -15.80 14.22
C VAL A 407 -18.35 -16.58 13.30
N MET A 408 -18.88 -17.01 12.17
CA MET A 408 -18.07 -17.57 11.08
C MET A 408 -18.24 -16.67 9.88
N SER A 409 -17.12 -16.29 9.28
CA SER A 409 -17.15 -15.43 8.11
C SER A 409 -16.68 -16.19 6.86
N PHE A 410 -17.21 -15.75 5.71
CA PHE A 410 -16.85 -16.29 4.41
C PHE A 410 -16.68 -15.15 3.45
N ASP A 411 -15.86 -15.37 2.42
CA ASP A 411 -15.41 -14.29 1.56
C ASP A 411 -14.99 -14.84 0.15
N LEU A 412 -15.42 -14.22 -0.95
CA LEU A 412 -14.98 -14.64 -2.30
C LEU A 412 -13.48 -14.48 -2.52
N THR A 413 -12.84 -15.49 -3.11
CA THR A 413 -11.46 -15.37 -3.57
C THR A 413 -11.40 -14.45 -4.78
N SER A 414 -10.61 -13.38 -4.62
CA SER A 414 -10.36 -12.44 -5.68
C SER A 414 -11.68 -12.11 -6.38
N ALA A 415 -12.62 -11.52 -5.63
CA ALA A 415 -14.01 -11.34 -6.09
C ALA A 415 -14.13 -10.76 -7.49
N TYR A 416 -13.66 -9.53 -7.67
CA TYR A 416 -13.86 -8.84 -8.95
C TYR A 416 -13.16 -9.46 -10.13
N PRO A 417 -11.91 -9.95 -9.96
CA PRO A 417 -11.26 -10.60 -11.09
C PRO A 417 -11.90 -11.95 -11.40
N SER A 418 -12.41 -12.62 -10.36
CA SER A 418 -13.17 -13.86 -10.54
C SER A 418 -14.46 -13.60 -11.31
N ILE A 419 -15.15 -12.51 -10.98
CA ILE A 419 -16.35 -12.10 -11.73
C ILE A 419 -16.00 -11.84 -13.21
N ILE A 420 -14.88 -11.19 -13.46
CA ILE A 420 -14.45 -10.89 -14.82
C ILE A 420 -14.23 -12.20 -15.57
N ARG A 421 -13.59 -13.14 -14.89
CA ARG A 421 -13.29 -14.42 -15.49
C ARG A 421 -14.55 -15.24 -15.74
N GLN A 422 -15.42 -15.33 -14.73
CA GLN A 422 -16.68 -16.08 -14.83
C GLN A 422 -17.62 -15.56 -15.91
N VAL A 423 -17.86 -14.25 -15.94
CA VAL A 423 -18.78 -13.64 -16.89
C VAL A 423 -18.14 -13.51 -18.27
N ASN A 424 -16.81 -13.50 -18.32
CA ASN A 424 -16.02 -13.21 -19.55
C ASN A 424 -16.17 -11.75 -19.97
N ILE A 425 -15.98 -10.85 -19.01
CA ILE A 425 -16.07 -9.41 -19.27
C ILE A 425 -14.79 -8.87 -19.89
N SER A 426 -14.93 -8.28 -21.06
CA SER A 426 -13.78 -7.79 -21.82
C SER A 426 -14.32 -6.82 -22.89
N PRO A 427 -13.49 -5.87 -23.37
CA PRO A 427 -13.91 -4.95 -24.41
C PRO A 427 -14.45 -5.65 -25.66
N GLU A 428 -13.82 -6.73 -26.07
CA GLU A 428 -14.11 -7.34 -27.37
C GLU A 428 -15.05 -8.55 -27.26
N THR A 429 -15.50 -8.84 -26.04
CA THR A 429 -16.45 -9.95 -25.83
C THR A 429 -17.91 -9.50 -25.67
N ILE A 430 -18.14 -8.20 -25.69
CA ILE A 430 -19.50 -7.69 -25.56
C ILE A 430 -20.33 -8.24 -26.72
N ALA A 431 -21.45 -8.88 -26.40
CA ALA A 431 -22.32 -9.48 -27.40
C ALA A 431 -23.68 -8.79 -27.51
N GLY A 432 -23.99 -7.89 -26.60
CA GLY A 432 -25.29 -7.22 -26.64
C GLY A 432 -25.84 -6.97 -25.26
N THR A 433 -27.13 -6.65 -25.18
CA THR A 433 -27.79 -6.37 -23.91
C THR A 433 -29.07 -7.21 -23.76
N PHE A 434 -29.56 -7.35 -22.53
CA PHE A 434 -30.89 -7.94 -22.34
C PHE A 434 -31.74 -7.00 -21.52
N LYS A 435 -33.05 -7.27 -21.49
CA LYS A 435 -33.99 -6.48 -20.70
C LYS A 435 -33.86 -6.81 -19.22
N VAL A 436 -33.43 -5.83 -18.42
CA VAL A 436 -33.13 -6.09 -17.01
C VAL A 436 -34.34 -5.95 -16.12
N ALA A 437 -34.50 -6.93 -15.23
CA ALA A 437 -35.43 -6.89 -14.14
C ALA A 437 -34.78 -6.12 -12.99
N PRO A 438 -35.58 -5.64 -12.03
CA PRO A 438 -34.93 -5.11 -10.84
C PRO A 438 -34.04 -6.17 -10.20
N LEU A 439 -32.93 -5.74 -9.62
CA LEU A 439 -31.90 -6.63 -9.07
C LEU A 439 -32.47 -7.69 -8.13
N HIS A 440 -33.38 -7.25 -7.26
CA HIS A 440 -34.11 -8.07 -6.31
C HIS A 440 -34.68 -9.34 -6.96
N ASP A 441 -35.11 -9.24 -8.21
CA ASP A 441 -35.69 -10.37 -8.95
C ASP A 441 -34.64 -11.41 -9.31
N TYR A 442 -33.42 -10.96 -9.58
CA TYR A 442 -32.33 -11.89 -9.82
C TYR A 442 -31.89 -12.55 -8.52
N ILE A 443 -31.79 -11.74 -7.46
CA ILE A 443 -31.37 -12.23 -6.15
C ILE A 443 -32.28 -13.35 -5.70
N ASN A 444 -33.60 -13.17 -5.87
CA ASN A 444 -34.58 -14.17 -5.48
C ASN A 444 -34.95 -15.17 -6.56
N ALA A 445 -34.20 -15.14 -7.66
CA ALA A 445 -34.36 -16.13 -8.71
C ALA A 445 -35.77 -16.16 -9.26
N VAL A 446 -36.45 -15.00 -9.34
CA VAL A 446 -37.78 -14.96 -9.98
C VAL A 446 -37.77 -14.29 -11.35
N ALA A 447 -36.74 -13.51 -11.65
CA ALA A 447 -36.60 -12.92 -12.98
C ALA A 447 -36.37 -13.96 -14.06
N GLU A 448 -36.84 -13.64 -15.27
CA GLU A 448 -36.60 -14.39 -16.49
C GLU A 448 -35.10 -14.57 -16.73
N ARG A 449 -34.71 -15.76 -17.18
CA ARG A 449 -33.30 -16.09 -17.46
C ARG A 449 -32.81 -15.13 -18.54
N PRO A 450 -31.71 -14.40 -18.27
CA PRO A 450 -31.31 -13.33 -19.21
C PRO A 450 -30.97 -13.83 -20.64
N SER A 451 -30.29 -14.96 -20.75
CA SER A 451 -29.93 -15.48 -22.08
C SER A 451 -29.73 -16.99 -22.08
N ASP A 452 -30.05 -17.59 -23.22
CA ASP A 452 -29.76 -18.99 -23.48
C ASP A 452 -28.60 -19.13 -24.43
N VAL A 453 -27.95 -18.01 -24.73
CA VAL A 453 -26.82 -17.99 -25.67
C VAL A 453 -25.54 -17.45 -25.00
N TYR A 454 -25.64 -16.31 -24.33
CA TYR A 454 -24.47 -15.56 -23.85
C TYR A 454 -24.36 -15.55 -22.33
N SER A 455 -23.17 -15.21 -21.85
CA SER A 455 -22.89 -15.13 -20.42
C SER A 455 -23.27 -13.74 -19.92
N CYS A 456 -24.03 -13.68 -18.83
CA CYS A 456 -24.69 -12.42 -18.45
C CYS A 456 -24.33 -11.83 -17.08
N SER A 457 -24.40 -10.50 -16.99
CA SER A 457 -24.40 -9.81 -15.71
C SER A 457 -25.76 -9.16 -15.51
N PRO A 458 -26.26 -9.09 -14.24
CA PRO A 458 -27.56 -8.48 -13.96
C PRO A 458 -27.68 -6.98 -14.25
N ASN A 459 -26.62 -6.36 -14.76
CA ASN A 459 -26.72 -4.97 -15.23
C ASN A 459 -27.27 -4.88 -16.66
N GLY A 460 -27.47 -6.03 -17.28
CA GLY A 460 -28.05 -6.06 -18.64
C GLY A 460 -27.07 -6.38 -19.74
N MET A 461 -25.82 -6.70 -19.39
CA MET A 461 -24.79 -6.99 -20.41
C MET A 461 -24.70 -8.48 -20.70
N MET A 462 -24.47 -8.80 -21.96
CA MET A 462 -24.20 -10.19 -22.39
C MET A 462 -22.83 -10.30 -23.05
N TYR A 463 -22.17 -11.45 -22.88
CA TYR A 463 -20.80 -11.65 -23.37
C TYR A 463 -20.64 -13.01 -24.08
N TYR A 464 -19.74 -13.06 -25.08
CA TYR A 464 -19.53 -14.30 -25.84
C TYR A 464 -19.05 -15.42 -24.94
N LYS A 465 -19.40 -16.66 -25.29
CA LYS A 465 -18.95 -17.80 -24.53
C LYS A 465 -17.95 -18.68 -25.30
N ASP A 466 -17.75 -18.39 -26.58
CA ASP A 466 -16.91 -19.28 -27.41
C ASP A 466 -15.41 -19.19 -27.09
N ARG A 467 -14.96 -18.02 -26.65
CA ARG A 467 -13.55 -17.76 -26.44
C ARG A 467 -13.36 -16.77 -25.30
N ASP A 468 -12.26 -16.92 -24.58
CA ASP A 468 -11.89 -16.00 -23.51
C ASP A 468 -11.43 -14.67 -24.08
N GLY A 469 -11.91 -13.58 -23.48
CA GLY A 469 -11.44 -12.24 -23.82
C GLY A 469 -10.04 -11.98 -23.31
N VAL A 470 -9.37 -11.00 -23.91
CA VAL A 470 -8.02 -10.61 -23.49
C VAL A 470 -7.98 -10.17 -22.01
N VAL A 471 -9.02 -9.52 -21.51
CA VAL A 471 -9.03 -9.13 -20.07
C VAL A 471 -9.09 -10.35 -19.10
N PRO A 472 -10.09 -11.25 -19.24
CA PRO A 472 -10.00 -12.49 -18.43
C PRO A 472 -8.69 -13.28 -18.60
N THR A 473 -8.20 -13.43 -19.82
CA THR A 473 -6.94 -14.16 -20.04
C THR A 473 -5.76 -13.57 -19.28
N GLU A 474 -5.58 -12.24 -19.34
CA GLU A 474 -4.41 -11.62 -18.74
C GLU A 474 -4.54 -11.45 -17.24
N ILE A 475 -5.75 -11.21 -16.77
CA ILE A 475 -6.03 -11.09 -15.34
C ILE A 475 -5.85 -12.44 -14.64
N THR A 476 -6.13 -13.54 -15.34
CA THR A 476 -5.95 -14.92 -14.84
C THR A 476 -4.48 -15.20 -14.56
N LYS A 477 -3.60 -14.72 -15.43
CA LYS A 477 -2.15 -14.95 -15.29
C LYS A 477 -1.57 -14.29 -14.05
N VAL A 478 -1.92 -13.04 -13.81
CA VAL A 478 -1.50 -12.35 -12.59
C VAL A 478 -2.18 -12.95 -11.34
N PHE A 479 -3.46 -13.32 -11.47
CA PHE A 479 -4.16 -14.01 -10.37
C PHE A 479 -3.44 -15.28 -9.94
N ASN A 480 -3.03 -16.07 -10.91
CA ASN A 480 -2.25 -17.28 -10.60
C ASN A 480 -0.92 -16.98 -9.90
N GLN A 481 -0.22 -15.93 -10.32
CA GLN A 481 1.00 -15.54 -9.61
C GLN A 481 0.62 -15.12 -8.17
N ARG A 482 -0.51 -14.43 -8.02
CA ARG A 482 -0.91 -13.95 -6.70
C ARG A 482 -1.14 -15.12 -5.77
N LYS A 483 -1.80 -16.15 -6.30
CA LYS A 483 -2.22 -17.30 -5.51
C LYS A 483 -1.01 -18.06 -4.98
N GLU A 484 0.02 -18.16 -5.81
CA GLU A 484 1.28 -18.80 -5.43
C GLU A 484 1.95 -18.10 -4.24
N HIS A 485 2.07 -16.77 -4.30
CA HIS A 485 2.72 -16.03 -3.21
C HIS A 485 1.90 -16.00 -1.96
N LYS A 486 0.58 -16.02 -2.10
CA LYS A 486 -0.29 -16.07 -0.95
C LYS A 486 -0.13 -17.42 -0.25
N GLY A 487 0.02 -18.50 -1.03
CA GLY A 487 0.34 -19.83 -0.48
C GLY A 487 1.60 -19.80 0.38
N TYR A 488 2.68 -19.22 -0.16
CA TYR A 488 3.90 -19.07 0.64
C TYR A 488 3.67 -18.20 1.86
N MET A 489 2.88 -17.12 1.70
CA MET A 489 2.62 -16.22 2.82
C MET A 489 1.91 -16.94 3.94
N LEU A 490 0.84 -17.67 3.61
CA LEU A 490 0.07 -18.39 4.62
C LEU A 490 0.88 -19.50 5.29
N ALA A 491 1.63 -20.27 4.50
CA ALA A 491 2.54 -21.26 5.09
C ALA A 491 3.48 -20.64 6.14
N ALA A 492 4.06 -19.48 5.83
CA ALA A 492 5.01 -18.81 6.72
C ALA A 492 4.33 -18.36 8.01
N GLN A 493 3.07 -17.98 7.86
CA GLN A 493 2.23 -17.62 8.97
C GLN A 493 1.90 -18.83 9.88
N ARG A 494 1.58 -19.97 9.27
CA ARG A 494 1.23 -21.15 10.06
C ARG A 494 2.49 -21.65 10.78
N ASN A 495 3.62 -21.59 10.07
CA ASN A 495 4.93 -21.88 10.63
C ASN A 495 5.28 -21.01 11.81
N GLY A 496 4.96 -19.70 11.70
CA GLY A 496 5.11 -18.74 12.80
C GLY A 496 4.37 -19.24 14.05
N GLU A 497 3.13 -19.69 13.86
CA GLU A 497 2.31 -20.17 14.99
C GLU A 497 2.86 -21.41 15.67
N ILE A 498 3.52 -22.27 14.90
CA ILE A 498 4.18 -23.45 15.46
C ILE A 498 5.34 -23.02 16.39
N ILE A 499 6.14 -22.05 15.92
CA ILE A 499 7.22 -21.47 16.71
C ILE A 499 6.74 -20.79 18.00
N LYS A 500 5.73 -19.94 17.89
CA LYS A 500 5.13 -19.33 19.10
C LYS A 500 4.71 -20.38 20.13
N GLU A 501 4.00 -21.42 19.69
CA GLU A 501 3.62 -22.52 20.58
C GLU A 501 4.84 -23.09 21.27
N ALA A 502 5.82 -23.50 20.47
CA ALA A 502 7.02 -24.14 21.00
C ALA A 502 7.68 -23.28 22.07
N LEU A 503 7.68 -21.97 21.85
CA LEU A 503 8.26 -21.01 22.79
C LEU A 503 7.71 -21.06 24.22
N HIS A 504 6.53 -21.66 24.43
CA HIS A 504 6.02 -21.83 25.79
C HIS A 504 6.88 -22.78 26.59
N ASN A 505 7.68 -23.59 25.90
CA ASN A 505 8.55 -24.56 26.54
C ASN A 505 9.97 -24.59 25.95
N PRO A 506 10.72 -23.48 26.05
CA PRO A 506 12.08 -23.46 25.49
C PRO A 506 13.04 -24.36 26.27
N ASN A 507 13.93 -25.04 25.55
CA ASN A 507 14.91 -25.92 26.19
C ASN A 507 16.13 -25.13 26.67
N LEU A 508 16.70 -25.56 27.79
CA LEU A 508 17.88 -24.93 28.34
C LEU A 508 19.14 -25.52 27.73
N SER A 509 19.46 -25.07 26.53
CA SER A 509 20.60 -25.57 25.77
C SER A 509 21.16 -24.51 24.84
N VAL A 510 22.37 -24.75 24.34
CA VAL A 510 23.00 -23.89 23.34
C VAL A 510 22.94 -24.61 22.00
N ASP A 511 22.31 -23.96 21.02
CA ASP A 511 21.99 -24.55 19.73
C ASP A 511 21.80 -23.47 18.66
N GLU A 512 21.52 -23.92 17.43
CA GLU A 512 21.35 -23.01 16.29
C GLU A 512 19.92 -23.08 15.75
N PRO A 513 19.43 -21.97 15.15
CA PRO A 513 18.17 -22.04 14.40
C PRO A 513 18.31 -23.02 13.23
N LEU A 514 17.25 -23.77 12.94
CA LEU A 514 17.21 -24.71 11.84
C LEU A 514 17.35 -24.02 10.47
N ASP A 515 17.96 -24.68 9.50
CA ASP A 515 18.02 -24.14 8.14
C ASP A 515 16.79 -24.61 7.34
N VAL A 516 15.75 -23.80 7.32
CA VAL A 516 14.49 -24.24 6.70
C VAL A 516 13.91 -23.22 5.72
N ASP A 517 13.09 -23.71 4.78
CA ASP A 517 12.34 -22.83 3.89
C ASP A 517 10.96 -22.54 4.50
N TYR A 518 10.78 -21.34 5.04
CA TYR A 518 9.55 -20.97 5.77
C TYR A 518 8.30 -20.84 4.86
N ARG A 519 8.51 -20.78 3.56
CA ARG A 519 7.43 -20.74 2.57
C ARG A 519 6.67 -22.06 2.49
N PHE A 520 7.22 -23.11 3.11
CA PHE A 520 6.60 -24.44 3.09
C PHE A 520 6.28 -24.95 4.50
N ASP A 521 5.07 -25.47 4.67
CA ASP A 521 4.61 -26.05 5.93
C ASP A 521 5.69 -26.94 6.56
N PHE A 522 5.98 -26.69 7.83
CA PHE A 522 6.99 -27.44 8.55
C PHE A 522 6.59 -28.92 8.58
N SER A 523 7.49 -29.77 8.09
CA SER A 523 7.37 -31.21 8.22
C SER A 523 7.41 -31.63 9.71
N ASP A 524 6.99 -32.86 9.96
CA ASP A 524 7.10 -33.52 11.28
C ASP A 524 8.52 -33.51 11.89
N GLU A 525 9.54 -33.78 11.08
CA GLU A 525 10.92 -33.78 11.60
C GLU A 525 11.35 -32.40 12.10
N ILE A 526 11.02 -31.37 11.32
CA ILE A 526 11.27 -29.97 11.73
C ILE A 526 10.48 -29.61 13.00
N LYS A 527 9.20 -30.01 13.04
CA LYS A 527 8.38 -29.83 14.24
C LYS A 527 9.05 -30.45 15.47
N GLU A 528 9.52 -31.68 15.33
CA GLU A 528 10.17 -32.36 16.43
C GLU A 528 11.40 -31.61 16.94
N LYS A 529 12.27 -31.19 16.01
CA LYS A 529 13.49 -30.46 16.35
C LYS A 529 13.19 -29.12 17.03
N ILE A 530 12.12 -28.46 16.56
CA ILE A 530 11.69 -27.17 17.10
C ILE A 530 11.40 -27.27 18.60
N LYS A 531 10.73 -28.36 18.99
CA LYS A 531 10.35 -28.63 20.40
C LYS A 531 11.56 -28.86 21.31
N LYS A 532 12.73 -29.01 20.72
CA LYS A 532 13.95 -29.25 21.48
C LYS A 532 14.86 -28.03 21.51
N LEU A 533 14.44 -26.94 20.86
CA LEU A 533 15.32 -25.77 20.72
C LEU A 533 15.22 -24.77 21.88
N SER A 534 16.30 -24.01 22.06
CA SER A 534 16.35 -22.90 23.02
C SER A 534 15.44 -21.74 22.60
N ALA A 535 15.20 -20.81 23.53
CA ALA A 535 14.47 -19.58 23.26
C ALA A 535 15.19 -18.67 22.23
N LYS A 536 16.51 -18.57 22.35
CA LYS A 536 17.32 -17.77 21.43
C LYS A 536 17.13 -18.23 19.98
N SER A 537 17.27 -19.52 19.75
CA SER A 537 17.07 -20.11 18.44
C SER A 537 15.61 -19.96 17.96
N LEU A 538 14.66 -20.28 18.83
CA LEU A 538 13.24 -20.16 18.50
C LEU A 538 12.85 -18.75 18.09
N ASN A 539 13.35 -17.74 18.82
CA ASN A 539 13.07 -16.36 18.53
C ASN A 539 13.63 -15.93 17.20
N GLU A 540 14.86 -16.35 16.91
CA GLU A 540 15.49 -16.08 15.62
C GLU A 540 14.67 -16.71 14.49
N MET A 541 14.24 -17.95 14.68
CA MET A 541 13.35 -18.61 13.71
C MET A 541 12.02 -17.88 13.52
N LEU A 542 11.50 -17.29 14.60
CA LEU A 542 10.25 -16.59 14.51
C LEU A 542 10.45 -15.37 13.65
N PHE A 543 11.54 -14.65 13.91
CA PHE A 543 11.88 -13.45 13.17
C PHE A 543 11.98 -13.79 11.69
N ARG A 544 12.69 -14.88 11.38
CA ARG A 544 12.84 -15.32 9.99
C ARG A 544 11.53 -15.76 9.36
N ALA A 545 10.70 -16.44 10.15
CA ALA A 545 9.37 -16.85 9.69
C ALA A 545 8.54 -15.60 9.34
N GLN A 546 8.57 -14.60 10.21
CA GLN A 546 7.85 -13.35 9.99
C GLN A 546 8.41 -12.52 8.83
N ARG A 547 9.71 -12.58 8.59
CA ARG A 547 10.30 -11.96 7.39
C ARG A 547 9.81 -12.65 6.12
N THR A 548 9.83 -13.97 6.11
CA THR A 548 9.28 -14.77 5.01
C THR A 548 7.81 -14.43 4.76
N GLU A 549 7.02 -14.30 5.84
CA GLU A 549 5.60 -13.91 5.71
C GLU A 549 5.43 -12.50 5.10
N VAL A 550 6.14 -11.52 5.64
CA VAL A 550 6.18 -10.16 5.05
C VAL A 550 6.57 -10.18 3.55
N ALA A 551 7.55 -11.01 3.18
CA ALA A 551 7.97 -11.13 1.78
C ALA A 551 6.82 -11.68 0.93
N GLY A 552 6.12 -12.68 1.48
CA GLY A 552 4.93 -13.26 0.85
C GLY A 552 3.77 -12.26 0.71
N MET A 553 3.59 -11.44 1.74
CA MET A 553 2.55 -10.44 1.81
C MET A 553 2.76 -9.37 0.73
N THR A 554 3.98 -8.86 0.60
CA THR A 554 4.29 -7.86 -0.42
C THR A 554 3.97 -8.41 -1.82
N ALA A 555 4.40 -9.65 -2.07
CA ALA A 555 4.28 -10.26 -3.38
C ALA A 555 2.82 -10.53 -3.75
N GLN A 556 2.03 -10.99 -2.77
CA GLN A 556 0.65 -11.40 -3.02
C GLN A 556 -0.32 -10.22 -3.01
N ILE A 557 -0.18 -9.33 -2.02
CA ILE A 557 -1.15 -8.29 -1.86
C ILE A 557 -1.08 -7.25 -2.97
N ASN A 558 0.12 -7.05 -3.54
CA ASN A 558 0.24 -6.05 -4.58
C ASN A 558 -0.10 -6.62 -5.95
N ARG A 559 -0.07 -7.95 -6.08
CA ARG A 559 -0.60 -8.60 -7.29
C ARG A 559 -2.12 -8.58 -7.31
N LYS A 560 -2.72 -8.77 -6.13
CA LYS A 560 -4.13 -8.53 -5.87
C LYS A 560 -4.47 -7.08 -6.17
N ALA A 561 -3.65 -6.15 -5.70
CA ALA A 561 -3.91 -4.75 -5.99
C ALA A 561 -3.88 -4.51 -7.51
N LEU A 562 -2.97 -5.18 -8.21
CA LEU A 562 -2.86 -4.99 -9.65
C LEU A 562 -4.11 -5.47 -10.42
N ILE A 563 -4.57 -6.70 -10.12
CA ILE A 563 -5.74 -7.27 -10.78
C ILE A 563 -7.04 -6.53 -10.41
N ASN A 564 -7.19 -6.17 -9.14
CA ASN A 564 -8.29 -5.29 -8.75
C ASN A 564 -8.22 -3.93 -9.43
N GLY A 565 -7.00 -3.44 -9.66
CA GLY A 565 -6.77 -2.20 -10.41
C GLY A 565 -7.34 -2.23 -11.82
N LEU A 566 -7.34 -3.41 -12.45
CA LEU A 566 -7.90 -3.59 -13.79
C LEU A 566 -9.40 -3.42 -13.80
N ALA A 567 -10.08 -4.00 -12.81
CA ALA A 567 -11.53 -3.85 -12.66
C ALA A 567 -11.94 -2.38 -12.48
N GLY A 568 -11.11 -1.64 -11.74
CA GLY A 568 -11.32 -0.21 -11.55
C GLY A 568 -10.88 0.62 -12.76
N ALA A 569 -9.84 0.16 -13.47
CA ALA A 569 -9.39 0.86 -14.70
C ALA A 569 -10.49 0.89 -15.77
N LEU A 570 -11.36 -0.10 -15.75
CA LEU A 570 -12.52 -0.12 -16.66
C LEU A 570 -13.43 1.08 -16.36
N GLY A 571 -13.29 1.65 -15.18
CA GLY A 571 -14.09 2.83 -14.80
C GLY A 571 -13.28 4.12 -14.70
N ASN A 572 -12.08 4.18 -15.29
CA ASN A 572 -11.30 5.43 -15.36
C ASN A 572 -11.20 5.94 -16.79
N VAL A 573 -11.51 7.21 -17.02
CA VAL A 573 -11.66 7.74 -18.39
C VAL A 573 -10.35 7.70 -19.19
N TRP A 574 -9.22 7.69 -18.50
CA TRP A 574 -7.90 7.62 -19.16
C TRP A 574 -7.48 6.26 -19.65
N PHE A 575 -8.19 5.21 -19.25
CA PHE A 575 -7.91 3.85 -19.69
C PHE A 575 -8.36 3.61 -21.13
N ARG A 576 -7.49 2.97 -21.92
CA ARG A 576 -7.81 2.67 -23.31
C ARG A 576 -9.10 1.85 -23.42
N TYR A 577 -9.37 1.01 -22.43
CA TYR A 577 -10.55 0.14 -22.49
C TYR A 577 -11.66 0.57 -21.53
N TYR A 578 -11.66 1.84 -21.15
CA TYR A 578 -12.75 2.46 -20.40
C TYR A 578 -14.09 2.09 -21.03
N ASP A 579 -14.96 1.52 -20.21
CA ASP A 579 -16.31 1.26 -20.64
C ASP A 579 -17.12 1.05 -19.38
N LEU A 580 -18.04 1.97 -19.13
CA LEU A 580 -18.89 1.90 -17.95
C LEU A 580 -19.87 0.70 -17.96
N ARG A 581 -20.16 0.16 -19.15
CA ARG A 581 -20.94 -1.08 -19.24
C ARG A 581 -20.21 -2.27 -18.61
N ASN A 582 -18.89 -2.32 -18.80
CA ASN A 582 -18.10 -3.42 -18.25
C ASN A 582 -17.77 -3.18 -16.78
N ALA A 583 -17.41 -1.94 -16.45
CA ALA A 583 -17.11 -1.59 -15.05
C ALA A 583 -18.34 -1.93 -14.20
N THR A 584 -19.53 -1.60 -14.72
CA THR A 584 -20.78 -1.81 -13.98
C THR A 584 -21.26 -3.26 -14.04
N ALA A 585 -20.95 -3.97 -15.13
CA ALA A 585 -21.26 -5.40 -15.19
C ALA A 585 -20.64 -6.15 -14.03
N ILE A 586 -19.41 -5.77 -13.68
CA ILE A 586 -18.65 -6.35 -12.58
C ILE A 586 -19.27 -6.03 -11.23
N THR A 587 -19.50 -4.74 -10.98
CA THR A 587 -19.99 -4.30 -9.65
C THR A 587 -21.44 -4.74 -9.42
N THR A 588 -22.26 -4.75 -10.47
CA THR A 588 -23.65 -5.20 -10.33
C THR A 588 -23.73 -6.72 -10.08
N PHE A 589 -22.92 -7.50 -10.79
CA PHE A 589 -22.84 -8.95 -10.58
C PHE A 589 -22.47 -9.23 -9.13
N GLY A 590 -21.49 -8.49 -8.63
CA GLY A 590 -21.05 -8.61 -7.22
C GLY A 590 -22.18 -8.38 -6.23
N GLN A 591 -23.03 -7.37 -6.50
CA GLN A 591 -24.11 -7.04 -5.56
C GLN A 591 -25.10 -8.18 -5.54
N MET A 592 -25.37 -8.73 -6.72
CA MET A 592 -26.23 -9.88 -6.84
C MET A 592 -25.66 -11.08 -6.10
N ALA A 593 -24.40 -11.41 -6.38
CA ALA A 593 -23.72 -12.58 -5.81
C ALA A 593 -23.81 -12.63 -4.29
N LEU A 594 -23.51 -11.49 -3.65
CA LEU A 594 -23.56 -11.37 -2.21
C LEU A 594 -24.97 -11.68 -1.66
N GLN A 595 -25.98 -11.02 -2.24
CA GLN A 595 -27.36 -11.16 -1.78
C GLN A 595 -27.96 -12.51 -2.12
N TRP A 596 -27.64 -13.03 -3.30
CA TRP A 596 -28.00 -14.38 -3.70
C TRP A 596 -27.51 -15.38 -2.67
N ILE A 597 -26.24 -15.28 -2.30
CA ILE A 597 -25.66 -16.29 -1.42
C ILE A 597 -26.08 -16.12 0.04
N GLU A 598 -26.39 -14.88 0.44
CA GLU A 598 -26.99 -14.58 1.73
C GLU A 598 -28.28 -15.39 1.86
N ARG A 599 -29.13 -15.30 0.82
CA ARG A 599 -30.38 -16.05 0.75
C ARG A 599 -30.17 -17.56 0.87
N LYS A 600 -29.16 -18.08 0.17
CA LYS A 600 -28.90 -19.52 0.17
C LYS A 600 -28.40 -20.02 1.51
N VAL A 601 -27.57 -19.23 2.16
CA VAL A 601 -26.97 -19.65 3.43
C VAL A 601 -28.06 -19.65 4.49
N ASN A 602 -28.94 -18.66 4.42
CA ASN A 602 -30.09 -18.58 5.31
C ASN A 602 -31.04 -19.75 5.15
N GLU A 603 -31.42 -20.03 3.91
CA GLU A 603 -32.30 -21.17 3.63
C GLU A 603 -31.65 -22.45 4.10
N TYR A 604 -30.36 -22.62 3.79
CA TYR A 604 -29.63 -23.80 4.23
C TYR A 604 -29.63 -23.97 5.75
N LEU A 605 -29.29 -22.92 6.47
CA LEU A 605 -29.15 -23.02 7.93
C LEU A 605 -30.49 -23.17 8.65
N ASN A 606 -31.52 -22.46 8.19
CA ASN A 606 -32.88 -22.67 8.66
C ASN A 606 -33.34 -24.12 8.49
N GLU A 607 -32.86 -24.75 7.42
CA GLU A 607 -33.13 -26.16 7.15
C GLU A 607 -32.44 -27.05 8.17
N VAL A 608 -31.12 -26.89 8.31
CA VAL A 608 -30.33 -27.62 9.31
C VAL A 608 -30.87 -27.45 10.74
N CYS A 609 -31.41 -26.27 11.05
CA CYS A 609 -31.91 -25.96 12.40
C CYS A 609 -33.42 -26.16 12.57
N GLY A 610 -34.09 -26.59 11.51
CA GLY A 610 -35.54 -26.81 11.52
C GLY A 610 -36.35 -25.58 11.86
N THR A 611 -35.98 -24.44 11.27
CA THR A 611 -36.68 -23.18 11.47
C THR A 611 -37.17 -22.57 10.16
N GLU A 612 -37.64 -21.32 10.23
CA GLU A 612 -38.04 -20.55 9.05
C GLU A 612 -37.88 -19.06 9.38
N GLY A 613 -37.43 -18.28 8.40
CA GLY A 613 -37.31 -16.83 8.53
C GLY A 613 -36.24 -16.28 9.45
N GLU A 614 -35.47 -17.16 10.10
CA GLU A 614 -34.31 -16.72 10.91
C GLU A 614 -33.16 -16.22 10.05
N ALA A 615 -32.69 -15.01 10.36
CA ALA A 615 -31.52 -14.42 9.71
C ALA A 615 -30.21 -14.87 10.39
N PHE A 616 -29.54 -15.83 9.76
CA PHE A 616 -28.24 -16.31 10.23
C PHE A 616 -27.11 -15.41 9.75
N VAL A 617 -27.29 -14.85 8.56
CA VAL A 617 -26.34 -13.89 8.01
C VAL A 617 -26.63 -12.53 8.62
N LEU A 618 -25.67 -11.99 9.36
CA LEU A 618 -25.92 -10.80 10.16
C LEU A 618 -25.36 -9.61 9.43
N TYR A 619 -24.36 -9.84 8.59
CA TYR A 619 -23.67 -8.77 7.93
C TYR A 619 -22.98 -9.25 6.69
N GLY A 620 -22.64 -8.30 5.84
CA GLY A 620 -21.83 -8.59 4.69
C GLY A 620 -21.49 -7.31 3.98
N ASP A 621 -20.34 -7.33 3.30
CA ASP A 621 -19.84 -6.14 2.65
C ASP A 621 -19.12 -6.56 1.37
N THR A 622 -19.67 -6.17 0.21
CA THR A 622 -19.07 -6.46 -1.13
C THR A 622 -19.12 -7.94 -1.55
N ASP A 623 -18.33 -8.81 -0.88
CA ASP A 623 -18.19 -10.20 -1.29
C ASP A 623 -18.08 -11.15 -0.08
N SER A 624 -18.46 -10.65 1.10
CA SER A 624 -18.31 -11.38 2.34
C SER A 624 -19.65 -11.56 3.04
N ILE A 625 -19.77 -12.65 3.81
CA ILE A 625 -20.91 -12.85 4.73
C ILE A 625 -20.42 -13.22 6.11
N TYR A 626 -21.18 -12.78 7.12
CA TYR A 626 -20.91 -13.10 8.53
C TYR A 626 -22.12 -13.86 9.07
N VAL A 627 -21.87 -15.10 9.45
CA VAL A 627 -22.92 -16.03 9.83
C VAL A 627 -22.86 -16.22 11.32
N SER A 628 -24.00 -16.00 11.96
CA SER A 628 -24.14 -16.27 13.38
C SER A 628 -24.12 -17.77 13.59
N ALA A 629 -23.16 -18.25 14.41
CA ALA A 629 -22.98 -19.69 14.71
C ALA A 629 -23.50 -20.09 16.10
N ASP A 630 -24.17 -19.17 16.79
CA ASP A 630 -24.73 -19.47 18.10
C ASP A 630 -25.56 -20.74 18.14
N LYS A 631 -26.48 -20.87 17.18
CA LYS A 631 -27.38 -22.02 17.18
C LYS A 631 -26.64 -23.34 16.95
N ILE A 632 -25.54 -23.29 16.20
CA ILE A 632 -24.72 -24.47 15.87
C ILE A 632 -24.00 -24.96 17.11
N ILE A 633 -23.32 -24.03 17.80
CA ILE A 633 -22.71 -24.31 19.09
C ILE A 633 -23.73 -24.87 20.09
N ASP A 634 -24.92 -24.25 20.16
CA ASP A 634 -25.94 -24.64 21.16
C ASP A 634 -26.52 -26.02 20.92
N LYS A 635 -26.57 -26.43 19.66
CA LYS A 635 -27.14 -27.72 19.28
C LYS A 635 -26.28 -28.90 19.75
N VAL A 636 -25.00 -28.64 20.04
CA VAL A 636 -24.15 -29.63 20.67
C VAL A 636 -24.13 -29.39 22.18
N GLY A 637 -24.07 -28.11 22.56
CA GLY A 637 -24.08 -27.69 23.96
C GLY A 637 -22.68 -27.38 24.43
N GLU A 638 -22.46 -26.18 24.95
CA GLU A 638 -21.12 -25.75 25.42
C GLU A 638 -20.45 -26.77 26.35
N SER A 639 -21.29 -27.49 27.10
CA SER A 639 -20.85 -28.52 28.06
C SER A 639 -20.05 -29.64 27.45
N LYS A 640 -20.36 -30.01 26.21
CA LYS A 640 -19.66 -31.07 25.48
C LYS A 640 -18.22 -30.72 25.04
N PHE A 641 -17.85 -29.45 25.10
CA PHE A 641 -16.50 -29.04 24.62
C PHE A 641 -15.40 -29.10 25.69
N ARG A 642 -14.26 -29.66 25.31
CA ARG A 642 -13.14 -29.81 26.23
C ARG A 642 -12.43 -28.48 26.49
N ASP A 643 -12.29 -27.66 25.45
CA ASP A 643 -11.67 -26.34 25.52
C ASP A 643 -12.06 -25.49 24.29
N THR A 644 -11.53 -24.27 24.19
CA THR A 644 -11.86 -23.35 23.11
C THR A 644 -11.52 -23.99 21.77
N ASN A 645 -10.32 -24.57 21.70
CA ASN A 645 -9.86 -25.22 20.48
C ASN A 645 -10.73 -26.37 20.00
N HIS A 646 -11.44 -27.03 20.92
CA HIS A 646 -12.45 -28.04 20.57
C HIS A 646 -13.61 -27.48 19.76
N TRP A 647 -14.29 -26.45 20.26
CA TRP A 647 -15.37 -25.84 19.44
C TRP A 647 -14.87 -25.16 18.17
N VAL A 648 -13.64 -24.64 18.19
CA VAL A 648 -13.06 -24.03 16.98
C VAL A 648 -12.89 -25.09 15.88
N ASP A 649 -12.40 -26.26 16.26
CA ASP A 649 -12.28 -27.42 15.36
C ASP A 649 -13.66 -27.80 14.88
N PHE A 650 -14.60 -27.86 15.80
CA PHE A 650 -15.99 -28.17 15.45
C PHE A 650 -16.53 -27.24 14.36
N LEU A 651 -16.39 -25.92 14.57
CA LEU A 651 -16.88 -24.94 13.59
C LEU A 651 -16.09 -24.98 12.28
N ASP A 652 -14.77 -25.17 12.38
CA ASP A 652 -13.90 -25.30 11.22
C ASP A 652 -14.38 -26.44 10.37
N LYS A 653 -14.65 -27.58 11.02
CA LYS A 653 -15.17 -28.77 10.36
C LYS A 653 -16.58 -28.54 9.79
N PHE A 654 -17.43 -27.82 10.53
CA PHE A 654 -18.75 -27.51 10.03
C PHE A 654 -18.71 -26.59 8.79
N ALA A 655 -17.80 -25.62 8.83
CA ALA A 655 -17.66 -24.68 7.73
C ALA A 655 -17.14 -25.39 6.48
N ARG A 656 -16.16 -26.25 6.64
CA ARG A 656 -15.55 -26.96 5.52
C ARG A 656 -16.43 -28.09 4.99
N GLU A 657 -17.15 -28.79 5.87
CA GLU A 657 -17.89 -29.98 5.42
C GLU A 657 -19.36 -29.77 5.08
N ARG A 658 -19.96 -28.75 5.70
CA ARG A 658 -21.37 -28.46 5.48
C ARG A 658 -21.60 -27.14 4.75
N MET A 659 -21.03 -26.06 5.28
CA MET A 659 -21.31 -24.72 4.77
C MET A 659 -20.77 -24.46 3.38
N GLU A 660 -19.49 -24.79 3.18
CA GLU A 660 -18.85 -24.54 1.91
C GLU A 660 -19.43 -25.33 0.72
N PRO A 661 -19.82 -26.62 0.92
CA PRO A 661 -20.52 -27.28 -0.20
C PRO A 661 -21.90 -26.70 -0.44
N ALA A 662 -22.59 -26.29 0.63
CA ALA A 662 -23.87 -25.60 0.47
C ALA A 662 -23.66 -24.32 -0.33
N ILE A 663 -22.60 -23.60 0.00
CA ILE A 663 -22.29 -22.34 -0.66
C ILE A 663 -21.96 -22.60 -2.15
N ASP A 664 -21.18 -23.65 -2.42
CA ASP A 664 -20.75 -23.97 -3.78
C ASP A 664 -21.95 -24.33 -4.68
N ARG A 665 -22.89 -25.12 -4.16
CA ARG A 665 -24.11 -25.46 -4.90
C ARG A 665 -24.95 -24.20 -5.20
N GLY A 666 -25.12 -23.36 -4.20
CA GLY A 666 -25.84 -22.09 -4.39
C GLY A 666 -25.23 -21.24 -5.51
N PHE A 667 -23.89 -21.21 -5.57
CA PHE A 667 -23.22 -20.42 -6.62
C PHE A 667 -23.25 -21.07 -8.01
N ARG A 668 -23.08 -22.40 -8.06
CA ARG A 668 -23.22 -23.12 -9.33
C ARG A 668 -24.57 -22.81 -9.96
N GLU A 669 -25.61 -22.81 -9.14
CA GLU A 669 -26.94 -22.54 -9.66
C GLU A 669 -26.98 -21.12 -10.23
N MET A 670 -26.32 -20.18 -9.54
CA MET A 670 -26.30 -18.78 -9.98
C MET A 670 -25.56 -18.61 -11.31
N CYS A 671 -24.48 -19.37 -11.45
CA CYS A 671 -23.71 -19.45 -12.69
C CYS A 671 -24.62 -19.86 -13.86
N GLU A 672 -25.39 -20.93 -13.66
CA GLU A 672 -26.32 -21.43 -14.70
C GLU A 672 -27.42 -20.42 -15.03
N TYR A 673 -27.93 -19.78 -13.99
CA TYR A 673 -28.95 -18.75 -14.12
C TYR A 673 -28.45 -17.62 -15.02
N MET A 674 -27.26 -17.11 -14.72
CA MET A 674 -26.59 -16.13 -15.58
C MET A 674 -25.94 -16.73 -16.84
N ASN A 675 -25.95 -18.07 -17.00
CA ASN A 675 -25.31 -18.74 -18.18
C ASN A 675 -23.85 -18.29 -18.37
N ASN A 676 -23.11 -18.19 -17.26
CA ASN A 676 -21.75 -17.72 -17.32
C ASN A 676 -20.82 -18.75 -17.92
N LYS A 677 -19.66 -18.29 -18.35
CA LYS A 677 -18.70 -19.14 -19.05
C LYS A 677 -18.12 -20.20 -18.12
N GLN A 678 -17.85 -19.84 -16.87
CA GLN A 678 -17.12 -20.72 -15.95
C GLN A 678 -17.48 -20.38 -14.51
N HIS A 679 -17.79 -21.39 -13.72
CA HIS A 679 -18.02 -21.21 -12.28
C HIS A 679 -16.76 -20.83 -11.54
N LEU A 680 -16.69 -19.59 -11.08
CA LEU A 680 -15.49 -19.15 -10.40
C LEU A 680 -15.74 -18.48 -9.06
N MET A 681 -17.00 -18.57 -8.57
CA MET A 681 -17.33 -18.00 -7.28
C MET A 681 -16.95 -18.98 -6.16
N PHE A 682 -15.77 -18.77 -5.59
CA PHE A 682 -15.27 -19.64 -4.51
C PHE A 682 -15.24 -18.85 -3.21
N MET A 683 -16.15 -19.21 -2.30
CA MET A 683 -16.32 -18.48 -1.05
C MET A 683 -15.86 -19.29 0.15
N ASP A 684 -14.59 -19.15 0.48
CA ASP A 684 -13.99 -19.91 1.56
C ASP A 684 -14.22 -19.25 2.92
N ARG A 685 -14.16 -20.08 3.95
CA ARG A 685 -14.26 -19.59 5.29
C ARG A 685 -13.06 -18.67 5.60
N GLU A 686 -13.33 -17.50 6.15
CA GLU A 686 -12.27 -16.58 6.56
C GLU A 686 -12.01 -16.78 8.06
N ALA A 687 -12.96 -16.37 8.89
CA ALA A 687 -12.77 -16.29 10.33
C ALA A 687 -13.68 -17.21 11.13
N ILE A 688 -13.14 -17.80 12.20
CA ILE A 688 -13.96 -18.43 13.23
C ILE A 688 -13.76 -17.65 14.52
N ALA A 689 -14.86 -17.12 15.06
CA ALA A 689 -14.76 -16.18 16.17
C ALA A 689 -15.72 -16.50 17.29
N GLY A 690 -15.28 -16.19 18.50
CA GLY A 690 -16.10 -16.37 19.69
C GLY A 690 -15.33 -16.07 20.96
N PRO A 691 -16.03 -16.07 22.13
CA PRO A 691 -15.35 -15.83 23.41
C PRO A 691 -14.56 -17.07 23.85
N PRO A 692 -13.52 -16.88 24.69
CA PRO A 692 -12.83 -18.06 25.25
C PRO A 692 -13.80 -18.93 26.05
N LEU A 693 -13.76 -20.24 25.84
CA LEU A 693 -14.67 -21.17 26.52
C LEU A 693 -14.76 -20.90 28.01
N GLY A 694 -15.98 -20.83 28.53
CA GLY A 694 -16.23 -20.61 29.96
C GLY A 694 -15.97 -19.23 30.53
N SER A 695 -15.67 -18.26 29.67
CA SER A 695 -15.45 -16.89 30.11
C SER A 695 -16.74 -16.07 30.00
N LYS A 696 -16.68 -14.80 30.36
CA LYS A 696 -17.78 -13.87 30.12
C LYS A 696 -17.52 -12.90 28.94
N GLY A 697 -16.52 -13.19 28.11
CA GLY A 697 -16.28 -12.39 26.89
C GLY A 697 -17.51 -12.44 25.98
N ILE A 698 -17.73 -11.38 25.22
CA ILE A 698 -18.92 -11.31 24.36
C ILE A 698 -18.62 -11.84 22.95
N GLY A 699 -17.33 -12.05 22.66
CA GLY A 699 -16.89 -12.61 21.38
C GLY A 699 -16.78 -11.64 20.22
N GLY A 700 -17.84 -10.86 19.96
CA GLY A 700 -17.78 -9.85 18.91
C GLY A 700 -18.88 -8.83 19.02
N PHE A 701 -18.77 -7.74 18.25
CA PHE A 701 -19.84 -6.75 18.11
C PHE A 701 -19.74 -5.95 16.80
N TRP A 702 -20.90 -5.49 16.31
CA TRP A 702 -21.02 -4.51 15.23
C TRP A 702 -21.64 -3.25 15.75
N THR A 703 -21.11 -2.09 15.38
CA THR A 703 -21.83 -0.84 15.65
C THR A 703 -22.59 -0.35 14.43
N GLY A 704 -22.14 -0.72 13.24
CA GLY A 704 -22.75 -0.20 11.98
C GLY A 704 -22.04 -0.79 10.80
N LYS A 705 -22.29 -0.24 9.61
CA LYS A 705 -21.57 -0.68 8.42
C LYS A 705 -20.07 -0.40 8.58
N LYS A 706 -19.24 -1.36 8.16
CA LYS A 706 -17.79 -1.18 8.17
C LYS A 706 -17.23 -0.83 9.56
N ARG A 707 -17.93 -1.26 10.60
CA ARG A 707 -17.53 -0.99 11.99
C ARG A 707 -17.83 -2.19 12.88
N TYR A 708 -16.81 -2.98 13.15
CA TYR A 708 -16.98 -4.20 13.92
C TYR A 708 -15.69 -4.74 14.53
N ALA A 709 -15.87 -5.59 15.54
CA ALA A 709 -14.76 -6.27 16.19
C ALA A 709 -15.11 -7.73 16.43
N LEU A 710 -14.13 -8.61 16.27
CA LEU A 710 -14.29 -10.04 16.45
C LEU A 710 -13.07 -10.64 17.13
N ASN A 711 -13.31 -11.54 18.08
CA ASN A 711 -12.27 -12.36 18.67
C ASN A 711 -12.02 -13.65 17.89
N VAL A 712 -10.91 -13.68 17.14
CA VAL A 712 -10.66 -14.68 16.11
C VAL A 712 -9.62 -15.72 16.55
N TRP A 713 -9.99 -16.99 16.39
CA TRP A 713 -9.16 -18.14 16.76
C TRP A 713 -8.45 -18.77 15.59
N ASP A 714 -9.08 -18.69 14.43
CA ASP A 714 -8.58 -19.25 13.19
C ASP A 714 -8.91 -18.32 12.03
N MET A 715 -7.89 -17.99 11.25
CA MET A 715 -8.05 -17.12 10.11
C MET A 715 -7.47 -17.81 8.87
N GLU A 716 -8.35 -18.19 7.95
CA GLU A 716 -7.98 -18.81 6.66
C GLU A 716 -7.10 -20.04 6.80
N GLY A 717 -7.27 -20.75 7.91
CA GLY A 717 -6.51 -21.96 8.11
C GLY A 717 -5.30 -21.76 9.01
N THR A 718 -5.07 -20.53 9.47
CA THR A 718 -4.05 -20.30 10.51
C THR A 718 -4.73 -20.39 11.86
N ARG A 719 -4.28 -21.35 12.67
CA ARG A 719 -4.78 -21.51 14.03
C ARG A 719 -3.82 -20.79 14.97
N TYR A 720 -4.32 -19.80 15.69
CA TYR A 720 -3.47 -18.94 16.47
C TYR A 720 -3.12 -19.57 17.80
N ALA A 721 -1.86 -19.45 18.23
CA ALA A 721 -1.49 -19.80 19.60
C ALA A 721 -2.34 -18.98 20.58
N GLU A 722 -2.63 -17.73 20.21
CA GLU A 722 -3.38 -16.79 21.05
C GLU A 722 -4.45 -16.10 20.22
N PRO A 723 -5.68 -15.95 20.75
CA PRO A 723 -6.72 -15.32 19.92
C PRO A 723 -6.24 -13.96 19.41
N LYS A 724 -6.72 -13.55 18.24
CA LYS A 724 -6.30 -12.27 17.68
C LYS A 724 -7.54 -11.44 17.44
N LEU A 725 -7.43 -10.13 17.66
CA LEU A 725 -8.57 -9.26 17.36
C LEU A 725 -8.63 -8.89 15.89
N LYS A 726 -9.75 -9.16 15.23
CA LYS A 726 -10.00 -8.53 13.95
C LYS A 726 -10.95 -7.37 14.21
N ILE A 727 -10.41 -6.17 14.07
CA ILE A 727 -11.17 -4.96 14.27
C ILE A 727 -11.18 -4.21 12.96
N MET A 728 -12.37 -3.89 12.47
CA MET A 728 -12.48 -3.13 11.23
C MET A 728 -13.18 -1.80 11.46
N GLY A 729 -12.56 -0.74 10.95
CA GLY A 729 -13.20 0.57 10.87
C GLY A 729 -13.25 1.40 12.14
N LEU A 730 -13.15 0.74 13.29
CA LEU A 730 -13.23 1.39 14.59
C LEU A 730 -12.01 2.25 14.83
N GLU A 731 -12.09 3.11 15.84
CA GLU A 731 -11.07 4.12 16.09
C GLU A 731 -9.65 3.58 16.30
N THR A 732 -9.54 2.36 16.80
CA THR A 732 -8.25 1.70 16.90
C THR A 732 -7.56 1.55 15.54
N GLN A 733 -8.34 1.59 14.44
CA GLN A 733 -7.79 1.33 13.10
C GLN A 733 -7.46 2.59 12.33
N LYS A 734 -7.71 3.74 12.93
CA LYS A 734 -7.60 4.99 12.20
C LYS A 734 -6.33 5.73 12.60
N SER A 735 -5.58 6.21 11.61
CA SER A 735 -4.36 6.98 11.89
C SER A 735 -4.64 8.35 12.53
N SER A 736 -5.87 8.83 12.40
CA SER A 736 -6.29 10.10 13.04
C SER A 736 -6.45 10.00 14.57
N THR A 737 -6.72 8.81 15.08
CA THR A 737 -6.84 8.58 16.52
C THR A 737 -5.49 8.60 17.24
N PRO A 738 -5.40 9.30 18.38
CA PRO A 738 -4.14 9.31 19.17
C PRO A 738 -3.63 7.90 19.47
N LYS A 739 -2.32 7.70 19.36
CA LYS A 739 -1.68 6.40 19.56
C LYS A 739 -2.03 5.73 20.89
N ALA A 740 -2.01 6.51 21.97
CA ALA A 740 -2.30 5.96 23.30
C ALA A 740 -3.77 5.63 23.41
N VAL A 741 -4.60 6.37 22.68
CA VAL A 741 -6.03 6.13 22.66
C VAL A 741 -6.36 4.89 21.82
N GLN A 742 -5.67 4.70 20.70
CA GLN A 742 -5.83 3.49 19.88
C GLN A 742 -5.56 2.30 20.79
N LYS A 743 -4.48 2.41 21.55
CA LYS A 743 -3.99 1.31 22.38
C LYS A 743 -4.97 1.04 23.52
N ALA A 744 -5.39 2.08 24.23
CA ALA A 744 -6.40 1.92 25.29
C ALA A 744 -7.74 1.39 24.81
N LEU A 745 -8.24 1.89 23.67
CA LEU A 745 -9.52 1.42 23.12
C LEU A 745 -9.43 -0.06 22.69
N LYS A 746 -8.30 -0.41 22.10
CA LYS A 746 -8.02 -1.80 21.74
C LYS A 746 -8.09 -2.73 22.94
N GLU A 747 -7.53 -2.28 24.05
CA GLU A 747 -7.54 -3.11 25.25
C GLU A 747 -8.95 -3.22 25.85
N CYS A 748 -9.75 -2.14 25.78
CA CYS A 748 -11.16 -2.18 26.18
C CYS A 748 -11.95 -3.22 25.35
N ILE A 749 -11.75 -3.19 24.04
CA ILE A 749 -12.32 -4.18 23.14
C ILE A 749 -11.83 -5.61 23.44
N ARG A 750 -10.53 -5.78 23.72
CA ARG A 750 -10.01 -7.11 24.05
C ARG A 750 -10.76 -7.61 25.28
N ARG A 751 -10.87 -6.75 26.28
CA ARG A 751 -11.59 -7.12 27.51
C ARG A 751 -13.06 -7.45 27.28
N MET A 752 -13.77 -6.63 26.49
CA MET A 752 -15.18 -6.88 26.15
C MET A 752 -15.36 -8.25 25.50
N LEU A 753 -14.53 -8.53 24.51
CA LEU A 753 -14.64 -9.75 23.71
C LEU A 753 -14.13 -11.03 24.40
N GLN A 754 -13.11 -10.91 25.25
CA GLN A 754 -12.46 -12.07 25.87
C GLN A 754 -12.81 -12.28 27.34
N GLU A 755 -13.23 -11.22 28.03
CA GLU A 755 -13.34 -11.26 29.48
C GLU A 755 -14.69 -10.79 30.00
N GLY A 756 -15.26 -9.76 29.40
CA GLY A 756 -16.60 -9.38 29.78
C GLY A 756 -16.71 -7.98 30.33
N GLU A 757 -17.92 -7.65 30.78
CA GLU A 757 -18.29 -6.31 31.23
C GLU A 757 -17.48 -5.84 32.46
N GLU A 758 -17.28 -6.74 33.42
CA GLU A 758 -16.65 -6.34 34.67
C GLU A 758 -15.18 -5.99 34.44
N SER A 759 -14.50 -6.78 33.60
CA SER A 759 -13.11 -6.50 33.24
C SER A 759 -12.96 -5.15 32.55
N LEU A 760 -13.94 -4.86 31.71
CA LEU A 760 -14.01 -3.62 30.95
C LEU A 760 -14.10 -2.40 31.88
N GLN A 761 -15.06 -2.42 32.79
CA GLN A 761 -15.21 -1.35 33.78
C GLN A 761 -13.97 -1.19 34.66
N GLU A 762 -13.27 -2.29 34.96
CA GLU A 762 -12.01 -2.18 35.69
C GLU A 762 -10.97 -1.35 34.92
N TYR A 763 -10.82 -1.66 33.63
CA TYR A 763 -9.78 -1.01 32.84
C TYR A 763 -10.10 0.44 32.56
N PHE A 764 -11.38 0.73 32.33
CA PHE A 764 -11.81 2.07 32.04
C PHE A 764 -11.49 2.98 33.22
N LYS A 765 -12.03 2.62 34.39
CA LYS A 765 -11.83 3.39 35.61
C LYS A 765 -10.34 3.74 35.80
N GLU A 766 -9.45 2.78 35.53
CA GLU A 766 -8.02 3.05 35.65
C GLU A 766 -7.46 3.97 34.56
N PHE A 767 -7.86 3.75 33.31
CA PHE A 767 -7.40 4.62 32.23
C PHE A 767 -7.83 6.07 32.44
N GLU A 768 -9.07 6.28 32.85
CA GLU A 768 -9.60 7.61 33.12
C GLU A 768 -8.79 8.33 34.19
N LYS A 769 -8.33 7.55 35.15
CA LYS A 769 -7.65 8.07 36.32
C LYS A 769 -6.22 8.48 36.00
N GLU A 770 -5.58 7.78 35.05
CA GLU A 770 -4.13 7.95 34.84
C GLU A 770 -3.75 8.65 33.56
N PHE A 771 -4.72 8.86 32.67
CA PHE A 771 -4.38 9.21 31.29
C PHE A 771 -3.65 10.55 31.17
N ARG A 772 -3.93 11.49 32.07
CA ARG A 772 -3.26 12.81 32.09
C ARG A 772 -1.72 12.75 32.17
N GLN A 773 -1.18 11.59 32.55
CA GLN A 773 0.27 11.38 32.61
C GLN A 773 0.86 11.02 31.23
N LEU A 774 -0.01 10.69 30.27
CA LEU A 774 0.47 10.29 28.95
C LEU A 774 1.19 11.42 28.21
N ASN A 775 2.27 11.06 27.52
CA ASN A 775 3.07 12.00 26.73
C ASN A 775 2.17 12.71 25.74
N TYR A 776 2.39 14.01 25.55
CA TYR A 776 1.48 14.82 24.73
C TYR A 776 1.34 14.33 23.28
N ILE A 777 2.40 13.76 22.73
CA ILE A 777 2.39 13.25 21.35
C ILE A 777 1.47 12.04 21.26
N SER A 778 1.57 11.15 22.25
CA SER A 778 0.78 9.93 22.31
C SER A 778 -0.72 10.20 22.42
N ILE A 779 -1.08 11.41 22.83
CA ILE A 779 -2.49 11.77 22.97
C ILE A 779 -2.98 12.85 22.00
N ALA A 780 -2.10 13.31 21.11
CA ALA A 780 -2.49 14.17 20.00
C ALA A 780 -3.23 13.42 18.91
N SER A 781 -4.31 14.02 18.40
CA SER A 781 -4.98 13.57 17.18
C SER A 781 -4.11 13.87 15.98
N VAL A 782 -4.43 13.24 14.85
CA VAL A 782 -3.63 13.41 13.63
C VAL A 782 -4.58 13.69 12.48
N SER A 783 -4.20 14.65 11.64
CA SER A 783 -4.95 14.94 10.44
C SER A 783 -4.06 15.44 9.30
N SER A 784 -4.47 15.14 8.07
CA SER A 784 -3.88 15.73 6.88
C SER A 784 -4.28 17.17 6.84
N ALA A 785 -3.41 18.01 6.31
CA ALA A 785 -3.64 19.45 6.27
C ALA A 785 -3.74 19.99 4.84
N ASN A 786 -4.96 20.03 4.29
CA ASN A 786 -5.19 20.61 2.96
C ASN A 786 -5.85 21.97 3.00
N ASN A 787 -5.45 22.82 2.06
CA ASN A 787 -6.02 24.16 1.87
C ASN A 787 -5.79 25.11 3.04
N ILE A 788 -4.59 25.08 3.61
CA ILE A 788 -4.32 26.01 4.71
C ILE A 788 -4.53 27.46 4.27
N ALA A 789 -4.16 27.78 3.04
CA ALA A 789 -4.30 29.14 2.51
C ALA A 789 -5.77 29.57 2.34
N LYS A 790 -6.62 28.69 1.81
CA LYS A 790 -8.04 28.99 1.62
C LYS A 790 -8.74 29.50 2.88
N TYR A 791 -8.35 28.95 4.03
CA TYR A 791 -9.05 29.24 5.26
C TYR A 791 -8.30 30.24 6.12
N ASP A 792 -7.20 30.77 5.58
CA ASP A 792 -6.37 31.74 6.29
C ASP A 792 -6.76 33.17 5.90
N VAL A 793 -7.50 33.83 6.81
CA VAL A 793 -7.89 35.23 6.63
C VAL A 793 -7.08 36.13 7.59
N GLY A 794 -5.99 36.70 7.07
CA GLY A 794 -5.03 37.48 7.87
C GLY A 794 -4.51 36.79 9.13
N GLY A 795 -4.30 35.48 9.05
CA GLY A 795 -3.78 34.70 10.18
C GLY A 795 -4.83 34.18 11.16
N PHE A 796 -6.10 34.46 10.85
CA PHE A 796 -7.23 33.98 11.66
C PHE A 796 -8.19 33.12 10.81
N PRO A 797 -8.97 32.24 11.47
CA PRO A 797 -9.83 31.30 10.74
C PRO A 797 -10.91 31.99 9.90
N GLY A 798 -10.99 31.62 8.62
CA GLY A 798 -12.09 32.06 7.76
C GLY A 798 -13.35 31.30 8.10
N PRO A 799 -14.47 31.59 7.40
CA PRO A 799 -15.71 30.82 7.60
C PRO A 799 -15.52 29.34 7.27
N LYS A 800 -16.25 28.47 7.98
CA LYS A 800 -16.16 27.02 7.77
C LYS A 800 -14.77 26.41 8.01
N CYS A 801 -13.90 27.12 8.74
CA CYS A 801 -12.53 26.64 8.98
C CYS A 801 -12.52 25.29 9.71
N PRO A 802 -11.88 24.28 9.10
CA PRO A 802 -11.71 22.99 9.79
C PRO A 802 -10.92 23.08 11.11
N PHE A 803 -11.28 22.22 12.06
CA PHE A 803 -10.65 22.21 13.37
C PHE A 803 -9.13 22.07 13.30
N HIS A 804 -8.65 21.21 12.42
CA HIS A 804 -7.23 20.98 12.36
C HIS A 804 -6.53 22.14 11.68
N ILE A 805 -7.21 22.79 10.74
CA ILE A 805 -6.66 23.99 10.07
C ILE A 805 -6.60 25.15 11.04
N ARG A 806 -7.66 25.34 11.82
CA ARG A 806 -7.66 26.28 12.93
C ARG A 806 -6.42 26.10 13.82
N GLY A 807 -6.12 24.84 14.16
CA GLY A 807 -4.95 24.52 14.96
C GLY A 807 -3.66 25.03 14.33
N ILE A 808 -3.56 24.87 13.01
CA ILE A 808 -2.37 25.30 12.25
C ILE A 808 -2.20 26.82 12.26
N LEU A 809 -3.31 27.53 12.09
CA LEU A 809 -3.33 28.99 12.11
C LEU A 809 -2.94 29.47 13.50
N THR A 810 -3.43 28.79 14.52
CA THR A 810 -3.01 29.09 15.89
C THR A 810 -1.48 28.91 15.98
N TYR A 811 -0.97 27.77 15.51
CA TYR A 811 0.47 27.54 15.45
C TYR A 811 1.23 28.65 14.70
N ASN A 812 0.79 28.96 13.49
CA ASN A 812 1.48 29.96 12.66
C ASN A 812 1.64 31.31 13.38
N ARG A 813 0.62 31.73 14.14
CA ARG A 813 0.69 32.99 14.88
C ARG A 813 1.65 32.88 16.04
N ALA A 814 1.66 31.72 16.69
CA ALA A 814 2.51 31.52 17.87
C ALA A 814 4.00 31.51 17.50
N ILE A 815 4.33 31.11 16.27
CA ILE A 815 5.72 31.08 15.82
C ILE A 815 6.09 32.21 14.85
N LYS A 816 5.10 33.04 14.50
CA LYS A 816 5.35 34.23 13.67
C LYS A 816 6.59 34.95 14.20
N GLY A 817 7.41 35.43 13.29
CA GLY A 817 8.66 36.10 13.65
C GLY A 817 9.86 35.21 13.40
N ASN A 818 9.66 33.90 13.55
CA ASN A 818 10.75 32.93 13.46
C ASN A 818 10.74 32.14 12.17
N ILE A 819 11.81 32.30 11.38
CA ILE A 819 12.00 31.54 10.14
C ILE A 819 12.71 30.22 10.47
N ASP A 820 13.22 30.15 11.69
CA ASP A 820 13.85 28.96 12.27
C ASP A 820 12.85 27.85 12.61
N ALA A 821 11.64 28.23 13.06
CA ALA A 821 10.62 27.28 13.50
C ALA A 821 10.12 26.45 12.33
N PRO A 822 9.86 25.15 12.56
CA PRO A 822 9.33 24.30 11.48
C PRO A 822 7.97 24.82 11.03
N GLN A 823 7.82 24.91 9.72
CA GLN A 823 6.55 25.30 9.11
C GLN A 823 5.76 24.04 8.84
N VAL A 824 4.44 24.14 8.97
CA VAL A 824 3.55 23.10 8.51
C VAL A 824 3.55 23.06 6.97
N VAL A 825 3.81 21.89 6.38
CA VAL A 825 3.76 21.77 4.93
C VAL A 825 2.34 21.42 4.47
N GLU A 826 1.81 22.28 3.61
CA GLU A 826 0.53 22.04 2.93
C GLU A 826 0.45 20.59 2.44
N GLY A 827 -0.66 19.90 2.72
CA GLY A 827 -0.86 18.54 2.21
C GLY A 827 -0.20 17.44 3.04
N GLU A 828 0.58 17.82 4.05
CA GLU A 828 1.18 16.84 4.94
C GLU A 828 0.37 16.74 6.23
N LYS A 829 0.82 15.90 7.16
CA LYS A 829 0.06 15.65 8.38
C LYS A 829 0.48 16.50 9.59
N VAL A 830 -0.49 16.82 10.44
CA VAL A 830 -0.23 17.51 11.69
C VAL A 830 -0.77 16.75 12.89
N TYR A 831 -0.11 16.94 14.04
CA TYR A 831 -0.67 16.61 15.35
C TYR A 831 -1.59 17.72 15.77
N VAL A 832 -2.68 17.38 16.45
CA VAL A 832 -3.67 18.35 16.90
C VAL A 832 -4.00 18.12 18.38
N LEU A 833 -4.01 19.21 19.15
CA LEU A 833 -4.42 19.18 20.55
C LEU A 833 -5.40 20.29 20.85
N PRO A 834 -6.42 20.01 21.69
CA PRO A 834 -7.28 21.08 22.23
C PRO A 834 -6.58 21.88 23.35
N LEU A 835 -6.97 23.15 23.48
CA LEU A 835 -6.41 24.05 24.49
C LEU A 835 -7.54 24.54 25.37
N ARG A 836 -7.29 24.64 26.67
CA ARG A 836 -8.27 25.15 27.62
C ARG A 836 -8.54 26.63 27.37
N GLU A 837 -9.77 27.05 27.64
CA GLU A 837 -10.21 28.45 27.61
C GLU A 837 -9.24 29.41 28.29
N GLY A 838 -8.94 30.53 27.63
CA GLY A 838 -8.09 31.56 28.20
C GLY A 838 -6.62 31.21 28.21
N ASN A 839 -6.23 30.37 27.26
CA ASN A 839 -4.83 30.08 26.99
C ASN A 839 -4.20 31.24 26.19
N PRO A 840 -2.87 31.39 26.30
CA PRO A 840 -2.14 32.45 25.61
C PRO A 840 -2.12 32.37 24.09
N PHE A 841 -2.61 31.28 23.51
CA PHE A 841 -2.55 31.11 22.05
C PHE A 841 -3.80 31.73 21.39
N GLY A 842 -4.76 32.10 22.22
CA GLY A 842 -5.95 32.81 21.78
C GLY A 842 -6.94 32.00 20.96
N ASP A 843 -6.84 30.68 20.98
CA ASP A 843 -7.82 29.81 20.31
C ASP A 843 -7.95 28.43 20.95
N LYS A 844 -8.85 27.61 20.40
CA LYS A 844 -9.27 26.37 21.05
C LYS A 844 -8.39 25.14 20.76
N CYS A 845 -7.47 25.27 19.81
CA CYS A 845 -6.58 24.16 19.46
C CYS A 845 -5.28 24.63 18.83
N ILE A 846 -4.33 23.72 18.78
CA ILE A 846 -3.07 23.94 18.09
C ILE A 846 -2.63 22.65 17.35
N ALA A 847 -2.02 22.84 16.18
CA ALA A 847 -1.51 21.74 15.41
C ALA A 847 -0.07 22.04 15.04
N TRP A 848 0.75 21.01 14.90
CA TRP A 848 2.15 21.17 14.46
C TRP A 848 2.55 19.98 13.64
N PRO A 849 3.67 20.07 12.88
CA PRO A 849 4.00 18.97 11.98
C PRO A 849 4.07 17.62 12.70
N SER A 850 3.49 16.60 12.08
CA SER A 850 3.41 15.28 12.71
C SER A 850 4.76 14.57 12.66
N GLY A 851 4.97 13.64 13.58
CA GLY A 851 6.25 12.93 13.67
C GLY A 851 7.32 13.78 14.32
N THR A 852 6.95 14.97 14.80
CA THR A 852 7.92 15.83 15.47
C THR A 852 7.43 16.30 16.83
N GLU A 853 8.40 16.65 17.66
CA GLU A 853 8.21 17.46 18.84
C GLU A 853 7.87 18.86 18.37
N ILE A 854 6.94 19.49 19.06
CA ILE A 854 6.63 20.88 18.81
C ILE A 854 7.79 21.71 19.34
N THR A 855 8.19 22.74 18.59
CA THR A 855 9.32 23.62 18.94
C THR A 855 9.30 24.12 20.40
N ASP A 856 10.50 24.25 20.99
CA ASP A 856 10.67 24.54 22.41
C ASP A 856 10.09 25.87 22.88
N LEU A 857 10.12 26.85 21.99
CA LEU A 857 9.50 28.16 22.20
C LEU A 857 8.09 28.04 22.80
N ILE A 858 7.28 27.17 22.23
CA ILE A 858 5.89 27.07 22.65
C ILE A 858 5.52 25.77 23.37
N LYS A 859 6.41 24.77 23.34
CA LYS A 859 6.14 23.45 23.92
C LYS A 859 5.66 23.52 25.37
N ASP A 860 6.35 24.35 26.18
CA ASP A 860 6.03 24.54 27.58
C ASP A 860 4.60 25.02 27.82
N ASP A 861 4.17 25.98 27.02
CA ASP A 861 2.81 26.49 27.11
C ASP A 861 1.77 25.47 26.63
N VAL A 862 2.04 24.84 25.48
CA VAL A 862 1.15 23.79 24.98
C VAL A 862 0.87 22.77 26.08
N LEU A 863 1.91 22.23 26.69
CA LEU A 863 1.74 21.24 27.77
C LEU A 863 0.92 21.75 28.94
N HIS A 864 1.16 23.00 29.32
CA HIS A 864 0.45 23.63 30.43
C HIS A 864 -1.01 23.86 30.13
N TRP A 865 -1.33 24.12 28.86
CA TRP A 865 -2.68 24.51 28.47
C TRP A 865 -3.50 23.43 27.77
N MET A 866 -2.85 22.30 27.42
CA MET A 866 -3.53 21.12 26.88
C MET A 866 -4.83 20.81 27.61
N ASP A 867 -5.91 20.57 26.85
CA ASP A 867 -7.21 20.28 27.44
C ASP A 867 -7.44 18.78 27.49
N TYR A 868 -7.00 18.15 28.58
CA TYR A 868 -7.07 16.70 28.74
C TYR A 868 -8.51 16.22 28.79
N THR A 869 -9.39 17.02 29.40
CA THR A 869 -10.83 16.69 29.49
C THR A 869 -11.49 16.58 28.11
N VAL A 870 -11.31 17.60 27.26
CA VAL A 870 -11.87 17.60 25.91
C VAL A 870 -11.31 16.40 25.14
N LEU A 871 -10.00 16.28 25.19
CA LEU A 871 -9.25 15.22 24.51
C LEU A 871 -9.75 13.83 24.92
N LEU A 872 -9.96 13.63 26.22
CA LEU A 872 -10.48 12.37 26.71
C LEU A 872 -11.85 12.06 26.14
N GLU A 873 -12.77 13.03 26.28
CA GLU A 873 -14.16 12.83 25.85
C GLU A 873 -14.29 12.60 24.35
N LYS A 874 -13.48 13.28 23.55
CA LYS A 874 -13.60 13.21 22.10
C LYS A 874 -13.00 11.95 21.48
N THR A 875 -11.82 11.58 21.95
CA THR A 875 -11.07 10.50 21.34
C THR A 875 -11.32 9.15 22.00
N PHE A 876 -11.67 9.16 23.27
CA PHE A 876 -11.81 7.92 24.01
C PHE A 876 -13.26 7.63 24.43
N ILE A 877 -13.86 8.52 25.22
CA ILE A 877 -15.20 8.26 25.75
C ILE A 877 -16.29 8.12 24.67
N LYS A 878 -16.34 9.07 23.74
CA LYS A 878 -17.31 8.98 22.66
C LYS A 878 -17.21 7.64 21.90
N PRO A 879 -16.02 7.25 21.40
CA PRO A 879 -16.07 5.98 20.64
C PRO A 879 -16.37 4.79 21.53
N LEU A 880 -15.81 4.78 22.74
CA LEU A 880 -16.13 3.74 23.73
C LEU A 880 -17.64 3.66 24.07
N GLU A 881 -18.29 4.81 24.26
CA GLU A 881 -19.75 4.84 24.41
C GLU A 881 -20.42 4.26 23.14
N GLY A 882 -19.86 4.57 21.97
CA GLY A 882 -20.28 3.91 20.74
C GLY A 882 -20.19 2.38 20.81
N PHE A 883 -19.01 1.86 21.22
CA PHE A 883 -18.81 0.40 21.27
C PHE A 883 -19.78 -0.30 22.24
N THR A 884 -19.87 0.25 23.45
CA THR A 884 -20.53 -0.40 24.56
C THR A 884 -22.07 -0.37 24.45
N SER A 885 -22.65 0.71 23.94
CA SER A 885 -24.11 0.69 23.73
C SER A 885 -24.44 -0.28 22.60
N ALA A 886 -23.61 -0.30 21.56
CA ALA A 886 -23.77 -1.31 20.52
C ALA A 886 -23.77 -2.72 21.15
N ALA A 887 -22.72 -3.04 21.92
CA ALA A 887 -22.60 -4.34 22.57
C ALA A 887 -23.54 -4.52 23.78
N LYS A 888 -24.31 -3.48 24.08
CA LYS A 888 -25.31 -3.52 25.15
C LYS A 888 -24.67 -3.80 26.52
N LEU A 889 -23.63 -3.07 26.85
CA LEU A 889 -23.06 -3.13 28.18
C LEU A 889 -22.56 -1.76 28.61
N ASP A 890 -22.13 -1.64 29.86
CA ASP A 890 -21.76 -0.35 30.42
C ASP A 890 -20.28 -0.28 30.76
N TYR A 891 -19.68 0.87 30.53
CA TYR A 891 -18.26 1.02 30.81
C TYR A 891 -18.04 1.48 32.26
N GLU A 892 -19.12 1.91 32.90
CA GLU A 892 -19.12 2.25 34.33
C GLU A 892 -20.16 1.41 35.04
N LYS A 893 -19.82 0.93 36.23
CA LYS A 893 -20.75 0.12 37.02
C LYS A 893 -22.01 0.91 37.37
N LYS A 894 -23.17 0.36 37.06
CA LYS A 894 -24.45 0.95 37.48
C LYS A 894 -24.73 0.55 38.93
N ALA A 895 -25.39 1.45 39.66
CA ALA A 895 -25.78 1.19 41.06
C ALA A 895 -26.69 -0.03 41.17
N SER A 896 -26.50 -0.81 42.22
CA SER A 896 -27.33 -1.99 42.45
C SER A 896 -27.87 -2.02 43.87
N LEU A 897 -28.74 -2.98 44.15
CA LEU A 897 -29.28 -3.16 45.50
C LEU A 897 -28.23 -3.62 46.49
N PHE A 898 -27.20 -4.30 45.98
CA PHE A 898 -26.08 -4.74 46.83
C PHE A 898 -25.28 -3.61 47.49
N ASP A 899 -25.28 -2.45 46.85
CA ASP A 899 -24.73 -1.21 47.43
C ASP A 899 -25.28 -0.91 48.84
N MET A 900 -26.45 -1.48 49.17
CA MET A 900 -27.09 -1.28 50.48
C MET A 900 -26.64 -2.30 51.51
N1 DOC C 13 -12.87 -2.49 0.19
C2 DOC C 13 -12.97 -1.60 -0.88
N3 DOC C 13 -11.98 -0.71 -1.09
C4 DOC C 13 -10.90 -0.71 -0.31
C5 DOC C 13 -10.76 -1.62 0.79
C6 DOC C 13 -11.75 -2.51 0.98
O2 DOC C 13 -13.98 -1.64 -1.61
N4 DOC C 13 -9.95 0.20 -0.55
C1' DOC C 13 -13.95 -3.49 0.38
C2' DOC C 13 -13.59 -4.89 -0.11
C3' DOC C 13 -14.07 -5.82 1.00
C4' DOC C 13 -14.89 -4.88 1.87
O4' DOC C 13 -14.22 -3.61 1.77
C5' DOC C 13 -15.11 -5.33 3.30
O5' DOC C 13 -13.93 -5.12 4.09
P DOC C 13 -14.01 -5.22 5.68
OP1 DOC C 13 -15.30 -5.82 6.11
OP2 DOC C 13 -12.72 -5.78 6.16
N1 DCP D . -11.80 -3.85 -3.99
C2 DCP D . -11.37 -2.78 -4.79
N3 DCP D . -10.30 -2.01 -4.41
C4 DCP D . -9.66 -2.28 -3.24
C5 DCP D . -10.09 -3.33 -2.42
C6 DCP D . -11.16 -4.12 -2.81
O2 DCP D . -11.94 -2.54 -5.87
N4 DCP D . -8.61 -1.52 -2.90
C1' DCP D . -12.93 -4.66 -4.47
C2' DCP D . -12.35 -5.70 -5.43
C3' DCP D . -12.22 -6.93 -4.55
C4' DCP D . -13.46 -6.81 -3.68
O4' DCP D . -13.59 -5.41 -3.43
O3' DCP D . -12.18 -8.11 -5.34
C5' DCP D . -13.35 -7.58 -2.37
O5' DCP D . -12.18 -7.16 -1.68
PA DCP D . -11.24 -8.18 -0.86
O1A DCP D . -10.48 -7.36 0.13
O2A DCP D . -12.12 -9.33 -0.37
O3A DCP D . -10.19 -8.70 -1.98
PB DCP D . -10.34 -9.91 -3.06
O1B DCP D . -10.02 -9.35 -4.41
O2B DCP D . -11.66 -10.60 -2.89
O3B DCP D . -9.10 -10.87 -2.68
PG DCP D . -9.05 -11.98 -1.49
O1G DCP D . -10.37 -11.85 -0.80
O2G DCP D . -8.84 -13.23 -2.29
O3G DCP D . -7.84 -11.59 -0.68
CA CA E . -12.53 -11.55 -1.02
CA CA F . -13.88 -9.44 1.76
CA CA G . 10.87 -27.52 24.10
CA CA H . -9.94 -16.33 1.34
CA CA I . 18.98 14.60 6.99
CA CA J . -23.02 15.08 13.06
#